data_4NJB
#
_entry.id   4NJB
#
_cell.length_a   54.361
_cell.length_b   80.398
_cell.length_c   76.284
_cell.angle_alpha   90.00
_cell.angle_beta   103.37
_cell.angle_gamma   90.00
#
_symmetry.space_group_name_H-M   'P 1 21 1'
#
loop_
_entity.id
_entity.type
_entity.pdbx_description
1 polymer Lactoperoxidase
2 branched 2-acetamido-2-deoxy-beta-D-glucopyranose-(1-4)-2-acetamido-2-deoxy-beta-D-glucopyranose
3 non-polymer 'CALCIUM ION'
4 non-polymer 'PROTOPORPHYRIN IX CONTAINING FE'
5 non-polymer 2-acetamido-2-deoxy-beta-D-glucopyranose
6 non-polymer 'IODIDE ION'
7 non-polymer DI(HYDROXYETHYL)ETHER
8 non-polymer 1,2-ETHANEDIOL
9 non-polymer "3,3'-oxydipyridine"
10 water water
#
_entity_poly.entity_id   1
_entity_poly.type   'polypeptide(L)'
_entity_poly.pdbx_seq_one_letter_code
;SWEVGCGAPVPLVKCDENSPYRTITGDCNNRRSPALGAANRALARWLPAEYEDGLALPFGWTQRKTRNGFRVPLAREVSN
KIVGYLDEEGVLDQNRSLLFMQWGQIVDHDLDFAPETELGSNEHSKTQCEEYCIQGDNCFPIMFPKNDPKLKTQGKCMPF
FRAGFVCPTPPYQSLAREQINAVTSFLDASLVYGSEP(SEP)LASRLRNLSSPLGLMAVNQEAWDHGLAYLPFNNKKPSP
CEFINTTARVPCFLAGDFRASEQILLATAHTLLLREHNRLARELKKLNPHWNGEKLYQEARKILGAFIQIITFRDYLPIV
LGSEMQKWIPPYQGYNNSVDPRISNVFTFAFRFGHMEVPSTVSRLDENYQPWGPEAELPLHTLFFNTWRIIKDGGIDPLV
RGLLAKKSKLMNQDKMVTSELRNKLFQPTHKIHGFDLAAINLQRCRDHGMPGYNSWRGFCGLSQPKTLKGLQTVLKNKIL
AKKLMDLYKTPDNIDIWIGGNAEPMVERGRVGPLLACLLGRQFQQIRDGDRFWWENPGVFTEKQRDSLQKVSFSRLICDN
THITKVPLHAFQANNYPHDFVDCSTVDKLDLSPWASREN
;
_entity_poly.pdbx_strand_id   A
#
loop_
_chem_comp.id
_chem_comp.type
_chem_comp.name
_chem_comp.formula
3OP non-polymer 3,3'-oxydipyridine 'C10 H8 N2 O'
CA non-polymer 'CALCIUM ION' 'Ca 2'
EDO non-polymer 1,2-ETHANEDIOL 'C2 H6 O2'
HEM non-polymer 'PROTOPORPHYRIN IX CONTAINING FE' 'C34 H32 Fe N4 O4'
IOD non-polymer 'IODIDE ION' 'I -1'
NAG D-saccharide, beta linking 2-acetamido-2-deoxy-beta-D-glucopyranose 'C8 H15 N O6'
PEG non-polymer DI(HYDROXYETHYL)ETHER 'C4 H10 O3'
#
# COMPACT_ATOMS: atom_id res chain seq x y z
N SER A 1 32.38 -6.56 5.92
CA SER A 1 33.20 -6.01 4.81
C SER A 1 32.35 -5.52 3.64
N TRP A 2 31.20 -4.94 3.95
CA TRP A 2 30.35 -4.40 2.88
C TRP A 2 30.69 -2.91 2.82
N GLU A 3 31.07 -2.46 1.62
CA GLU A 3 31.52 -1.10 1.29
C GLU A 3 30.87 0.20 1.77
N VAL A 4 31.62 1.27 1.51
CA VAL A 4 31.21 2.64 1.82
C VAL A 4 29.81 2.78 1.26
N GLY A 5 29.59 2.14 0.12
CA GLY A 5 28.28 2.16 -0.50
C GLY A 5 28.16 3.05 -1.71
N CYS A 6 27.32 2.61 -2.65
CA CYS A 6 27.05 3.36 -3.86
C CYS A 6 25.78 4.21 -3.62
N GLY A 7 25.50 5.16 -4.49
CA GLY A 7 24.33 6.02 -4.32
C GLY A 7 24.25 7.08 -5.40
N ALA A 8 24.51 6.63 -6.63
CA ALA A 8 24.53 7.49 -7.80
C ALA A 8 23.21 8.16 -8.23
N PRO A 9 22.08 7.44 -8.17
CA PRO A 9 20.82 8.08 -8.60
C PRO A 9 20.35 9.22 -7.68
N VAL A 10 20.77 9.16 -6.42
CA VAL A 10 20.37 10.16 -5.43
C VAL A 10 21.34 11.34 -5.35
N PRO A 11 20.80 12.58 -5.38
CA PRO A 11 21.62 13.80 -5.31
C PRO A 11 22.28 14.16 -3.96
N LEU A 12 22.47 15.45 -3.73
CA LEU A 12 23.11 15.99 -2.52
C LEU A 12 22.17 16.05 -1.31
N VAL A 13 22.74 16.19 -0.13
CA VAL A 13 21.98 16.27 1.12
C VAL A 13 22.35 17.55 1.86
N LYS A 14 21.35 18.30 2.31
CA LYS A 14 21.61 19.52 3.08
C LYS A 14 20.54 19.68 4.15
N CYS A 15 20.94 19.45 5.39
CA CYS A 15 20.04 19.50 6.53
C CYS A 15 20.03 20.72 7.45
N ASP A 16 18.83 21.22 7.72
CA ASP A 16 18.64 22.33 8.65
C ASP A 16 18.38 21.58 9.95
N GLU A 17 19.30 21.71 10.90
CA GLU A 17 19.18 20.97 12.15
C GLU A 17 18.15 21.45 13.19
N ASN A 18 17.51 22.60 12.97
CA ASN A 18 16.52 23.04 13.95
C ASN A 18 15.08 22.95 13.44
N SER A 19 14.93 22.56 12.17
CA SER A 19 13.62 22.45 11.57
C SER A 19 12.60 21.66 12.40
N PRO A 20 11.42 22.24 12.59
CA PRO A 20 10.40 21.53 13.37
C PRO A 20 9.56 20.62 12.47
N TYR A 21 9.80 20.72 11.17
CA TYR A 21 9.08 19.93 10.18
C TYR A 21 9.88 18.88 9.41
N ARG A 22 9.21 17.81 8.99
CA ARG A 22 9.86 16.75 8.22
C ARG A 22 10.14 17.34 6.85
N THR A 23 11.12 16.77 6.14
CA THR A 23 11.40 17.20 4.79
C THR A 23 10.43 16.38 3.94
N ILE A 24 10.29 16.77 2.67
CA ILE A 24 9.41 16.05 1.77
C ILE A 24 10.04 14.71 1.38
N THR A 25 11.35 14.70 1.17
CA THR A 25 12.07 13.48 0.78
C THR A 25 12.36 12.50 1.90
N GLY A 26 12.17 12.91 3.15
CA GLY A 26 12.45 12.01 4.25
C GLY A 26 13.85 12.19 4.79
N ASP A 27 14.70 12.88 4.04
CA ASP A 27 16.07 13.16 4.45
C ASP A 27 16.11 13.94 5.77
N CYS A 28 17.22 13.83 6.48
CA CYS A 28 17.46 14.55 7.73
C CYS A 28 16.64 14.13 8.95
N ASN A 29 15.94 13.01 8.87
CA ASN A 29 15.15 12.53 10.00
C ASN A 29 16.15 12.02 11.03
N ASN A 30 17.06 11.17 10.57
CA ASN A 30 18.10 10.63 11.42
C ASN A 30 19.30 11.57 11.25
N ARG A 31 19.82 12.07 12.35
CA ARG A 31 20.94 12.99 12.30
C ARG A 31 22.29 12.38 11.91
N ARG A 32 22.58 11.16 12.36
CA ARG A 32 23.85 10.51 12.01
C ARG A 32 23.92 10.06 10.56
N SER A 33 22.82 9.49 10.06
CA SER A 33 22.73 9.02 8.68
C SER A 33 21.49 9.69 8.08
N PRO A 34 21.60 10.97 7.69
CA PRO A 34 20.49 11.75 7.12
C PRO A 34 19.76 11.17 5.90
N ALA A 35 20.32 10.14 5.27
CA ALA A 35 19.64 9.56 4.12
C ALA A 35 18.76 8.34 4.49
N LEU A 36 18.82 7.92 5.75
CA LEU A 36 18.04 6.78 6.21
C LEU A 36 16.58 7.03 6.21
N GLY A 37 15.83 6.21 5.49
CA GLY A 37 14.39 6.36 5.44
C GLY A 37 13.98 7.31 4.34
N ALA A 38 14.97 7.89 3.66
CA ALA A 38 14.69 8.81 2.58
C ALA A 38 14.23 8.07 1.32
N ALA A 39 13.33 8.70 0.59
CA ALA A 39 12.80 8.12 -0.62
C ALA A 39 13.90 8.02 -1.67
N ASN A 40 13.65 7.20 -2.69
CA ASN A 40 14.55 6.98 -3.81
C ASN A 40 15.94 6.41 -3.49
N ARG A 41 15.96 5.61 -2.43
CA ARG A 41 17.14 4.90 -1.92
C ARG A 41 16.75 3.43 -2.00
N ALA A 42 17.73 2.55 -1.86
CA ALA A 42 17.47 1.13 -1.92
C ALA A 42 16.66 0.65 -0.72
N LEU A 43 15.82 -0.36 -0.95
CA LEU A 43 15.05 -0.97 0.12
C LEU A 43 16.08 -1.71 0.96
N ALA A 44 15.82 -1.85 2.26
CA ALA A 44 16.77 -2.55 3.11
C ALA A 44 16.72 -4.07 2.86
N ARG A 45 17.85 -4.74 3.07
CA ARG A 45 17.95 -6.19 2.92
C ARG A 45 18.08 -6.79 4.32
N TRP A 46 17.03 -7.42 4.83
CA TRP A 46 17.13 -8.00 6.16
C TRP A 46 17.94 -9.27 6.09
N LEU A 47 17.94 -9.85 4.90
CA LEU A 47 18.68 -11.06 4.60
C LEU A 47 19.23 -10.82 3.20
N PRO A 48 20.37 -11.43 2.87
CA PRO A 48 21.01 -11.28 1.56
C PRO A 48 20.08 -11.68 0.40
N ALA A 49 20.17 -10.94 -0.70
CA ALA A 49 19.36 -11.21 -1.87
C ALA A 49 19.68 -12.61 -2.39
N GLU A 50 18.69 -13.26 -3.00
CA GLU A 50 18.90 -14.57 -3.55
C GLU A 50 18.52 -14.59 -5.02
N TYR A 51 19.55 -14.54 -5.85
CA TYR A 51 19.37 -14.54 -7.30
C TYR A 51 20.04 -15.77 -7.87
N GLU A 52 19.49 -16.22 -8.99
CA GLU A 52 19.96 -17.38 -9.72
C GLU A 52 21.46 -17.32 -10.01
N ASP A 53 21.98 -16.12 -10.26
CA ASP A 53 23.41 -15.96 -10.52
C ASP A 53 24.08 -15.22 -9.36
N GLY A 54 23.39 -15.18 -8.23
CA GLY A 54 23.90 -14.52 -7.05
C GLY A 54 23.96 -13.02 -7.11
N LEU A 55 23.71 -12.45 -8.29
CA LEU A 55 23.78 -11.01 -8.47
C LEU A 55 22.53 -10.29 -8.93
N ALA A 56 21.89 -10.76 -10.01
CA ALA A 56 20.72 -10.07 -10.51
C ALA A 56 19.65 -10.89 -11.22
N LEU A 57 20.01 -12.04 -11.80
CA LEU A 57 18.99 -12.82 -12.50
C LEU A 57 18.03 -13.51 -11.54
N PRO A 58 16.73 -13.30 -11.72
CA PRO A 58 15.75 -13.92 -10.83
C PRO A 58 15.63 -15.43 -11.02
N PHE A 59 15.21 -16.12 -9.97
CA PHE A 59 15.05 -17.56 -10.09
C PHE A 59 13.90 -17.75 -11.06
N GLY A 60 14.06 -18.71 -11.96
CA GLY A 60 13.03 -18.95 -12.95
C GLY A 60 13.43 -18.31 -14.27
N TRP A 61 14.43 -17.44 -14.22
CA TRP A 61 14.92 -16.77 -15.43
C TRP A 61 15.48 -17.77 -16.43
N THR A 62 16.23 -18.75 -15.95
CA THR A 62 16.83 -19.75 -16.82
C THR A 62 16.26 -21.15 -16.61
N GLN A 63 15.84 -21.78 -17.70
CA GLN A 63 15.25 -23.13 -17.68
C GLN A 63 16.07 -24.15 -16.91
N ARG A 64 17.28 -24.39 -17.39
CA ARG A 64 18.18 -25.36 -16.78
C ARG A 64 18.66 -25.10 -15.35
N LYS A 65 18.59 -23.85 -14.88
CA LYS A 65 19.06 -23.56 -13.54
C LYS A 65 18.02 -23.88 -12.45
N THR A 66 18.37 -24.78 -11.55
CA THR A 66 17.48 -25.17 -10.48
C THR A 66 17.66 -24.27 -9.26
N ARG A 67 16.68 -24.34 -8.36
CA ARG A 67 16.77 -23.61 -7.10
C ARG A 67 16.80 -24.77 -6.13
N ASN A 68 17.94 -24.98 -5.47
CA ASN A 68 18.07 -26.09 -4.53
C ASN A 68 17.84 -27.44 -5.19
N GLY A 69 18.10 -27.54 -6.48
CA GLY A 69 17.91 -28.81 -7.15
C GLY A 69 16.59 -29.01 -7.86
N PHE A 70 15.68 -28.05 -7.77
CA PHE A 70 14.38 -28.15 -8.44
C PHE A 70 14.04 -26.89 -9.22
N ARG A 71 13.26 -27.07 -10.29
CA ARG A 71 12.85 -25.93 -11.09
C ARG A 71 11.78 -25.24 -10.26
N VAL A 72 11.69 -23.92 -10.38
CA VAL A 72 10.66 -23.20 -9.67
C VAL A 72 9.46 -23.26 -10.62
N PRO A 73 8.24 -23.31 -10.07
CA PRO A 73 7.03 -23.40 -10.89
C PRO A 73 6.69 -22.05 -11.53
N LEU A 74 5.92 -22.08 -12.62
CA LEU A 74 5.51 -20.84 -13.27
C LEU A 74 4.60 -20.11 -12.30
N ALA A 75 4.75 -18.79 -12.22
CA ALA A 75 3.94 -17.99 -11.31
C ALA A 75 2.43 -18.11 -11.56
N ARG A 76 2.03 -18.17 -12.83
CA ARG A 76 0.62 -18.29 -13.17
C ARG A 76 0.06 -19.68 -12.85
N GLU A 77 0.91 -20.71 -12.83
CA GLU A 77 0.39 -22.03 -12.50
C GLU A 77 0.09 -22.11 -11.01
N VAL A 78 0.97 -21.52 -10.20
CA VAL A 78 0.77 -21.52 -8.77
C VAL A 78 -0.52 -20.76 -8.50
N SER A 79 -0.67 -19.62 -9.17
CA SER A 79 -1.87 -18.81 -9.03
C SER A 79 -3.14 -19.63 -9.32
N ASN A 80 -3.15 -20.31 -10.47
CA ASN A 80 -4.30 -21.13 -10.89
C ASN A 80 -4.60 -22.31 -9.99
N LYS A 81 -3.56 -23.01 -9.59
CA LYS A 81 -3.72 -24.21 -8.78
C LYS A 81 -3.94 -24.00 -7.30
N ILE A 82 -3.40 -22.91 -6.75
CA ILE A 82 -3.51 -22.66 -5.33
C ILE A 82 -4.26 -21.39 -4.94
N VAL A 83 -4.06 -20.33 -5.71
CA VAL A 83 -4.67 -19.05 -5.40
C VAL A 83 -6.10 -18.80 -5.91
N GLY A 84 -6.51 -19.48 -6.98
CA GLY A 84 -7.85 -19.27 -7.52
C GLY A 84 -9.03 -20.02 -6.91
N TYR A 85 -10.22 -19.48 -7.13
CA TYR A 85 -11.45 -20.08 -6.64
C TYR A 85 -12.62 -19.49 -7.40
N LEU A 86 -13.72 -20.23 -7.46
CA LEU A 86 -14.91 -19.81 -8.19
C LEU A 86 -16.03 -19.14 -7.41
N ASP A 87 -16.41 -19.78 -6.32
CA ASP A 87 -17.50 -19.37 -5.47
C ASP A 87 -17.26 -18.26 -4.44
N GLU A 88 -17.85 -17.09 -4.66
CA GLU A 88 -17.71 -15.97 -3.74
C GLU A 88 -18.61 -16.05 -2.49
N GLU A 89 -19.51 -17.04 -2.44
CA GLU A 89 -20.40 -17.16 -1.27
C GLU A 89 -19.65 -17.59 -0.02
N GLY A 90 -19.99 -16.97 1.11
CA GLY A 90 -19.35 -17.29 2.39
C GLY A 90 -17.89 -16.90 2.52
N VAL A 91 -17.41 -16.08 1.59
CA VAL A 91 -16.01 -15.65 1.55
C VAL A 91 -15.71 -14.38 2.36
N LEU A 92 -16.75 -13.64 2.77
CA LEU A 92 -16.58 -12.38 3.51
C LEU A 92 -16.20 -12.46 5.00
N ASP A 93 -15.56 -11.41 5.50
CA ASP A 93 -15.10 -11.34 6.90
C ASP A 93 -16.22 -10.82 7.78
N GLN A 94 -16.80 -11.71 8.58
CA GLN A 94 -17.92 -11.35 9.46
C GLN A 94 -17.52 -10.27 10.40
N ASN A 95 -16.24 -9.95 10.56
CA ASN A 95 -15.88 -8.89 11.52
C ASN A 95 -14.82 -7.86 11.12
N ARG A 96 -14.84 -7.41 9.88
CA ARG A 96 -13.91 -6.41 9.42
C ARG A 96 -14.64 -5.67 8.32
N SER A 97 -14.72 -4.35 8.45
CA SER A 97 -15.37 -3.55 7.44
C SER A 97 -14.48 -3.52 6.21
N LEU A 98 -15.00 -3.00 5.11
CA LEU A 98 -14.23 -2.92 3.87
C LEU A 98 -13.17 -1.85 4.07
N LEU A 99 -13.38 -1.01 5.09
CA LEU A 99 -12.46 0.06 5.41
C LEU A 99 -11.12 -0.52 5.89
N PHE A 100 -11.17 -1.71 6.48
CA PHE A 100 -9.99 -2.41 6.99
C PHE A 100 -9.05 -2.75 5.84
N MET A 101 -9.60 -3.25 4.75
CA MET A 101 -8.82 -3.59 3.56
C MET A 101 -8.23 -2.30 3.01
N GLN A 102 -9.10 -1.30 2.85
CA GLN A 102 -8.70 -0.01 2.31
C GLN A 102 -7.63 0.74 3.10
N TRP A 103 -7.74 0.76 4.42
CA TRP A 103 -6.74 1.47 5.21
C TRP A 103 -5.37 0.83 5.02
N GLY A 104 -5.35 -0.48 4.80
CA GLY A 104 -4.09 -1.16 4.60
C GLY A 104 -3.38 -0.78 3.31
N GLN A 105 -4.14 -0.56 2.25
CA GLN A 105 -3.56 -0.18 0.96
C GLN A 105 -2.95 1.21 1.11
N ILE A 106 -3.65 2.03 1.89
CA ILE A 106 -3.23 3.40 2.18
C ILE A 106 -1.88 3.44 2.90
N VAL A 107 -1.80 2.74 4.03
CA VAL A 107 -0.58 2.69 4.84
C VAL A 107 0.55 2.15 3.98
N ASP A 108 0.20 1.15 3.20
CA ASP A 108 1.15 0.53 2.31
C ASP A 108 1.82 1.57 1.41
N HIS A 109 0.96 2.34 0.74
CA HIS A 109 1.40 3.35 -0.20
C HIS A 109 2.15 4.49 0.44
N ASP A 110 1.94 4.66 1.74
CA ASP A 110 2.61 5.70 2.45
C ASP A 110 4.05 5.20 2.66
N LEU A 111 4.24 3.89 2.76
CA LEU A 111 5.55 3.33 3.06
C LEU A 111 6.44 2.83 1.92
N ASP A 112 5.88 2.24 0.88
CA ASP A 112 6.76 1.72 -0.18
C ASP A 112 6.20 1.75 -1.59
N PHE A 113 7.12 1.76 -2.55
CA PHE A 113 6.79 1.75 -3.95
C PHE A 113 8.06 1.48 -4.73
N ALA A 114 8.09 0.33 -5.39
CA ALA A 114 9.24 -0.07 -6.19
C ALA A 114 8.78 -0.07 -7.64
N PRO A 115 8.81 1.11 -8.27
CA PRO A 115 8.38 1.20 -9.67
C PRO A 115 9.20 0.41 -10.69
N GLU A 116 8.53 0.11 -11.81
CA GLU A 116 9.14 -0.61 -12.91
C GLU A 116 10.26 0.25 -13.46
N THR A 117 11.26 -0.40 -14.05
CA THR A 117 12.39 0.31 -14.65
C THR A 117 11.85 1.20 -15.77
N GLU A 118 12.37 2.42 -15.86
CA GLU A 118 11.93 3.31 -16.93
C GLU A 118 12.84 3.19 -18.16
N LEU A 119 12.49 2.32 -19.09
CA LEU A 119 13.26 2.15 -20.32
C LEU A 119 12.21 1.99 -21.42
N GLY A 120 11.23 2.89 -21.40
CA GLY A 120 10.15 2.84 -22.37
C GLY A 120 9.76 4.15 -23.02
N SER A 121 10.43 5.26 -22.67
CA SER A 121 10.12 6.54 -23.30
C SER A 121 10.67 6.50 -24.73
N ASN A 122 9.76 6.70 -25.70
CA ASN A 122 10.05 6.62 -27.14
C ASN A 122 10.83 5.35 -27.45
N GLU A 123 10.32 4.24 -26.90
CA GLU A 123 10.93 2.93 -27.03
C GLU A 123 9.93 1.76 -27.16
N HIS A 124 10.21 0.86 -28.10
CA HIS A 124 9.36 -0.31 -28.34
C HIS A 124 9.66 -1.44 -27.38
N SER A 125 10.61 -1.21 -26.48
CA SER A 125 10.99 -2.23 -25.50
C SER A 125 9.77 -2.73 -24.75
N LYS A 126 8.90 -1.81 -24.37
CA LYS A 126 7.69 -2.15 -23.63
C LYS A 126 6.66 -2.79 -24.56
N THR A 127 6.64 -2.31 -25.80
CA THR A 127 5.72 -2.81 -26.80
C THR A 127 6.11 -4.24 -27.17
N GLN A 128 7.40 -4.45 -27.36
CA GLN A 128 7.93 -5.76 -27.73
C GLN A 128 7.73 -6.85 -26.68
N CYS A 129 7.83 -6.47 -25.41
CA CYS A 129 7.63 -7.44 -24.34
C CYS A 129 6.21 -7.99 -24.48
N GLU A 130 5.25 -7.07 -24.52
CA GLU A 130 3.83 -7.41 -24.66
C GLU A 130 3.55 -8.16 -25.97
N GLU A 131 3.92 -7.53 -27.08
CA GLU A 131 3.71 -8.10 -28.40
C GLU A 131 4.35 -9.45 -28.71
N TYR A 132 5.61 -9.64 -28.34
CA TYR A 132 6.26 -10.89 -28.67
C TYR A 132 6.66 -11.83 -27.52
N CYS A 133 6.37 -11.42 -26.28
CA CYS A 133 6.69 -12.22 -25.09
C CYS A 133 8.12 -12.75 -25.07
N ILE A 134 9.07 -11.91 -25.46
CA ILE A 134 10.47 -12.29 -25.49
C ILE A 134 11.20 -11.79 -24.26
N GLN A 135 11.63 -12.73 -23.43
CA GLN A 135 12.34 -12.41 -22.20
C GLN A 135 13.73 -11.85 -22.50
N GLY A 136 14.04 -10.72 -21.87
CA GLY A 136 15.32 -10.08 -22.08
C GLY A 136 15.44 -8.80 -21.30
N ASP A 137 16.61 -8.61 -20.69
CA ASP A 137 16.90 -7.43 -19.89
C ASP A 137 15.82 -7.20 -18.84
N ASN A 138 15.05 -6.11 -18.95
CA ASN A 138 14.03 -5.88 -17.94
C ASN A 138 12.64 -6.45 -18.24
N CYS A 139 12.54 -7.22 -19.32
CA CYS A 139 11.30 -7.88 -19.71
C CYS A 139 11.41 -9.31 -19.20
N PHE A 140 10.53 -9.65 -18.26
CA PHE A 140 10.53 -10.96 -17.61
C PHE A 140 9.08 -11.43 -17.63
N PRO A 141 8.53 -11.67 -18.84
CA PRO A 141 7.13 -12.08 -18.97
C PRO A 141 6.68 -13.32 -18.21
N ILE A 142 5.45 -13.25 -17.71
CA ILE A 142 4.81 -14.34 -16.99
C ILE A 142 4.11 -15.15 -18.06
N MET A 143 4.63 -16.36 -18.30
CA MET A 143 4.10 -17.26 -19.31
C MET A 143 2.94 -18.09 -18.76
N PHE A 144 2.07 -18.55 -19.66
CA PHE A 144 0.92 -19.35 -19.25
C PHE A 144 1.21 -20.84 -19.22
N PRO A 145 0.63 -21.55 -18.24
CA PRO A 145 0.87 -22.99 -18.20
C PRO A 145 0.00 -23.60 -19.31
N LYS A 146 0.26 -24.85 -19.72
CA LYS A 146 -0.49 -25.46 -20.82
C LYS A 146 -2.03 -25.44 -20.78
N ASN A 147 -2.63 -25.63 -19.64
CA ASN A 147 -4.06 -25.73 -19.61
C ASN A 147 -4.77 -24.49 -19.12
N ASP A 148 -4.18 -23.36 -19.39
CA ASP A 148 -4.69 -22.04 -18.99
C ASP A 148 -5.63 -21.43 -20.04
N PRO A 149 -6.86 -21.06 -19.62
CA PRO A 149 -7.84 -20.45 -20.56
C PRO A 149 -7.32 -19.21 -21.26
N LYS A 150 -6.44 -18.47 -20.59
CA LYS A 150 -5.89 -17.25 -21.15
C LYS A 150 -5.01 -17.47 -22.37
N LEU A 151 -4.51 -18.69 -22.51
CA LEU A 151 -3.67 -19.03 -23.63
C LEU A 151 -4.53 -19.01 -24.90
N LYS A 152 -5.82 -19.25 -24.73
CA LYS A 152 -6.74 -19.29 -25.84
C LYS A 152 -7.25 -17.92 -26.24
N THR A 153 -7.34 -17.00 -25.28
CA THR A 153 -7.87 -15.67 -25.55
C THR A 153 -6.90 -14.49 -25.46
N GLN A 154 -5.78 -14.65 -24.77
CA GLN A 154 -4.85 -13.53 -24.61
C GLN A 154 -3.44 -13.69 -25.16
N GLY A 155 -3.10 -14.86 -25.68
CA GLY A 155 -1.77 -15.03 -26.21
C GLY A 155 -0.92 -15.92 -25.34
N LYS A 156 0.40 -15.77 -25.46
CA LYS A 156 1.36 -16.58 -24.73
C LYS A 156 1.72 -16.14 -23.33
N CYS A 157 1.60 -14.85 -23.02
CA CYS A 157 2.02 -14.39 -21.71
C CYS A 157 1.32 -13.13 -21.24
N MET A 158 1.68 -12.72 -20.03
CA MET A 158 1.18 -11.49 -19.45
C MET A 158 2.50 -10.73 -19.36
N PRO A 159 2.56 -9.51 -19.89
CA PRO A 159 3.87 -8.86 -19.77
C PRO A 159 4.22 -8.45 -18.35
N PHE A 160 5.51 -8.45 -18.05
CA PHE A 160 6.01 -8.10 -16.74
C PHE A 160 7.39 -7.46 -16.90
N PHE A 161 7.62 -6.36 -16.20
CA PHE A 161 8.89 -5.66 -16.30
C PHE A 161 9.54 -5.55 -14.94
N ARG A 162 10.83 -5.80 -14.89
CA ARG A 162 11.56 -5.76 -13.64
C ARG A 162 11.56 -4.40 -12.97
N ALA A 163 11.49 -4.44 -11.64
CA ALA A 163 11.51 -3.25 -10.80
C ALA A 163 12.82 -2.53 -10.98
N GLY A 164 12.81 -1.22 -10.77
CA GLY A 164 14.03 -0.43 -10.91
C GLY A 164 15.00 -0.68 -9.76
N PHE A 165 16.28 -0.46 -10.00
CA PHE A 165 17.31 -0.68 -8.99
C PHE A 165 18.29 0.50 -8.86
N VAL A 166 18.95 0.61 -7.71
CA VAL A 166 19.88 1.72 -7.48
C VAL A 166 21.21 1.66 -8.21
N CYS A 167 21.80 2.84 -8.39
CA CYS A 167 23.07 3.05 -9.08
C CYS A 167 22.83 3.12 -10.60
N PRO A 168 23.26 2.13 -11.39
CA PRO A 168 22.97 2.36 -12.81
C PRO A 168 21.58 1.87 -13.18
N THR A 169 21.28 1.92 -14.48
CA THR A 169 20.01 1.39 -14.96
C THR A 169 20.38 0.47 -16.16
N PRO A 170 21.59 0.67 -16.73
CA PRO A 170 22.06 -0.21 -17.80
C PRO A 170 22.82 -1.11 -16.83
N PRO A 171 22.88 -2.43 -17.08
CA PRO A 171 23.56 -3.40 -16.17
C PRO A 171 24.89 -3.12 -15.41
N TYR A 172 24.86 -3.30 -14.08
CA TYR A 172 26.06 -3.14 -13.22
C TYR A 172 26.57 -4.58 -12.95
N GLN A 173 27.72 -4.73 -12.29
CA GLN A 173 28.30 -6.08 -12.10
C GLN A 173 28.96 -6.54 -10.80
N SER A 174 29.15 -5.66 -9.82
CA SER A 174 29.88 -6.02 -8.59
C SER A 174 29.14 -6.58 -7.37
N LEU A 175 28.04 -5.92 -6.99
CA LEU A 175 27.26 -6.28 -5.82
C LEU A 175 25.86 -6.66 -6.27
N ALA A 176 25.07 -7.31 -5.40
CA ALA A 176 23.71 -7.74 -5.74
C ALA A 176 22.76 -6.59 -6.12
N ARG A 177 21.84 -6.86 -7.04
CA ARG A 177 20.88 -5.85 -7.46
C ARG A 177 19.95 -5.50 -6.31
N GLU A 178 19.77 -4.21 -6.08
CA GLU A 178 18.92 -3.75 -5.01
C GLU A 178 17.83 -2.81 -5.57
N GLN A 179 16.56 -3.17 -5.33
CA GLN A 179 15.43 -2.36 -5.80
C GLN A 179 15.25 -1.09 -4.97
N ILE A 180 14.66 -0.07 -5.60
CA ILE A 180 14.44 1.25 -5.00
C ILE A 180 13.10 1.43 -4.26
N ASN A 181 13.10 2.25 -3.21
CA ASN A 181 11.83 2.57 -2.59
C ASN A 181 11.67 4.05 -2.93
N ALA A 182 10.66 4.34 -3.74
CA ALA A 182 10.39 5.70 -4.21
C ALA A 182 9.60 6.62 -3.30
N VAL A 183 9.18 6.15 -2.12
CA VAL A 183 8.47 7.04 -1.20
C VAL A 183 9.21 6.99 0.13
N THR A 184 8.90 7.91 1.04
CA THR A 184 9.58 7.94 2.35
C THR A 184 9.20 6.72 3.20
N SER A 185 10.18 6.14 3.88
CA SER A 185 9.91 4.96 4.70
C SER A 185 9.10 5.28 5.95
N PHE A 186 9.03 6.55 6.31
CA PHE A 186 8.30 6.97 7.50
C PHE A 186 6.81 7.08 7.27
N LEU A 187 6.02 6.76 8.29
CA LEU A 187 4.58 6.91 8.16
C LEU A 187 4.39 8.41 8.32
N ASP A 188 4.46 9.15 7.21
CA ASP A 188 4.37 10.61 7.21
C ASP A 188 3.36 11.27 6.26
N ALA A 189 2.40 10.50 5.75
CA ALA A 189 1.39 11.04 4.83
C ALA A 189 2.02 11.48 3.50
N SER A 190 3.11 10.82 3.13
CA SER A 190 3.75 11.15 1.88
C SER A 190 2.84 10.82 0.71
N LEU A 191 1.82 9.97 0.95
CA LEU A 191 0.90 9.63 -0.12
C LEU A 191 -0.01 10.83 -0.42
N VAL A 192 -0.05 11.78 0.51
CA VAL A 192 -0.86 12.99 0.34
C VAL A 192 -0.04 14.18 -0.18
N TYR A 193 1.15 14.34 0.38
CA TYR A 193 2.04 15.46 0.04
C TYR A 193 3.13 15.18 -0.97
N GLY A 194 3.41 13.92 -1.23
CA GLY A 194 4.44 13.58 -2.19
C GLY A 194 5.76 13.28 -1.53
N SER A 195 6.68 12.70 -2.28
CA SER A 195 7.99 12.34 -1.76
C SER A 195 9.14 13.05 -2.47
N GLU A 196 8.80 13.87 -3.47
CA GLU A 196 9.78 14.65 -4.21
C GLU A 196 9.35 16.14 -4.11
N PRO A 197 10.31 17.00 -3.99
CA PRO A 197 10.10 18.42 -3.98
C PRO A 197 9.32 18.89 -5.21
N SEP A 198 9.66 18.40 -6.38
CA SEP A 198 8.97 18.73 -7.57
CB SEP A 198 9.64 17.78 -8.57
OG SEP A 198 10.61 17.04 -7.80
C SEP A 198 7.49 18.55 -7.37
O SEP A 198 6.70 19.48 -7.52
P SEP A 198 12.14 16.67 -7.97
O1P SEP A 198 12.71 17.55 -7.10
O2P SEP A 198 12.59 16.54 -9.30
O3P SEP A 198 12.47 15.42 -7.51
N LEU A 199 7.06 17.35 -7.01
CA LEU A 199 5.63 17.08 -6.90
C LEU A 199 4.95 17.78 -5.75
N ALA A 200 5.54 17.70 -4.57
CA ALA A 200 5.08 18.45 -3.40
C ALA A 200 4.64 19.91 -3.68
N SER A 201 5.38 20.62 -4.51
CA SER A 201 5.01 22.01 -4.79
C SER A 201 3.78 22.07 -5.70
N ARG A 202 3.79 21.25 -6.73
CA ARG A 202 2.71 21.19 -7.69
C ARG A 202 1.35 20.84 -7.05
N LEU A 203 1.40 20.10 -5.94
CA LEU A 203 0.17 19.70 -5.23
C LEU A 203 -0.36 20.84 -4.37
N ARG A 204 0.52 21.77 -4.06
CA ARG A 204 0.16 22.88 -3.25
C ARG A 204 -0.50 23.98 -3.98
N ASN A 205 -1.30 24.74 -3.24
CA ASN A 205 -1.94 25.96 -3.76
C ASN A 205 -1.14 27.15 -3.32
N LEU A 206 -0.22 27.57 -4.16
CA LEU A 206 0.54 28.72 -3.79
C LEU A 206 -0.22 30.01 -4.11
N SER A 207 -1.05 29.97 -5.15
CA SER A 207 -1.83 31.13 -5.56
C SER A 207 -2.28 31.94 -4.35
N SER A 208 -2.83 31.26 -3.35
CA SER A 208 -3.30 31.93 -2.13
C SER A 208 -2.36 31.62 -0.95
N PRO A 209 -2.22 32.57 -0.02
CA PRO A 209 -1.35 32.41 1.15
C PRO A 209 -2.02 31.71 2.34
N LEU A 210 -2.85 30.72 2.07
CA LEU A 210 -3.56 30.03 3.14
C LEU A 210 -3.08 28.63 3.53
N GLY A 211 -1.96 28.18 2.98
CA GLY A 211 -1.43 26.86 3.33
C GLY A 211 -2.26 25.70 2.80
N LEU A 212 -3.03 25.95 1.74
CA LEU A 212 -3.89 24.93 1.17
C LEU A 212 -3.26 24.06 0.12
N MET A 213 -3.88 22.88 -0.05
CA MET A 213 -3.48 21.91 -1.06
C MET A 213 -4.37 22.26 -2.24
N ALA A 214 -3.85 22.11 -3.45
CA ALA A 214 -4.62 22.43 -4.63
C ALA A 214 -5.87 21.55 -4.69
N VAL A 215 -6.93 22.05 -5.30
CA VAL A 215 -8.15 21.26 -5.44
C VAL A 215 -8.59 21.32 -6.89
N ASN A 216 -9.54 20.48 -7.25
CA ASN A 216 -10.04 20.43 -8.61
C ASN A 216 -10.88 21.69 -8.88
N GLN A 217 -10.70 22.29 -10.05
CA GLN A 217 -11.47 23.49 -10.36
C GLN A 217 -12.56 23.20 -11.38
N GLU A 218 -12.57 21.97 -11.88
CA GLU A 218 -13.53 21.51 -12.85
C GLU A 218 -14.75 20.81 -12.23
N ALA A 219 -14.57 20.17 -11.11
CA ALA A 219 -15.65 19.44 -10.45
C ALA A 219 -15.67 19.61 -8.95
N TRP A 220 -16.86 19.49 -8.40
CA TRP A 220 -17.07 19.61 -6.97
C TRP A 220 -18.01 18.52 -6.48
N ASP A 221 -17.97 18.25 -5.19
CA ASP A 221 -18.80 17.22 -4.59
C ASP A 221 -19.74 17.90 -3.60
N HIS A 222 -20.85 18.43 -4.13
CA HIS A 222 -21.83 19.13 -3.33
C HIS A 222 -21.09 20.16 -2.50
N GLY A 223 -20.21 20.88 -3.19
CA GLY A 223 -19.42 21.90 -2.55
C GLY A 223 -18.08 21.44 -1.98
N LEU A 224 -17.92 20.13 -1.79
CA LEU A 224 -16.66 19.66 -1.23
C LEU A 224 -15.64 19.29 -2.31
N ALA A 225 -14.38 19.56 -2.01
CA ALA A 225 -13.25 19.34 -2.91
C ALA A 225 -12.96 17.92 -3.41
N TYR A 226 -12.31 17.90 -4.57
CA TYR A 226 -11.87 16.70 -5.27
C TYR A 226 -10.40 16.94 -5.52
N LEU A 227 -9.62 15.88 -5.71
CA LEU A 227 -8.21 16.08 -5.99
C LEU A 227 -8.13 16.65 -7.40
N PRO A 228 -7.04 17.38 -7.71
CA PRO A 228 -6.95 17.92 -9.06
C PRO A 228 -6.72 16.76 -10.03
N PHE A 229 -6.96 16.98 -11.32
CA PHE A 229 -6.75 15.93 -12.29
C PHE A 229 -5.28 15.91 -12.67
N ASN A 230 -4.79 14.76 -13.11
CA ASN A 230 -3.42 14.67 -13.56
C ASN A 230 -3.57 14.74 -15.06
N ASN A 231 -3.09 15.82 -15.67
CA ASN A 231 -3.28 15.92 -17.11
C ASN A 231 -2.15 15.40 -17.99
N LYS A 232 -1.56 14.29 -17.55
CA LYS A 232 -0.53 13.60 -18.29
C LYS A 232 -1.33 12.68 -19.18
N LYS A 233 -0.90 12.53 -20.43
CA LYS A 233 -1.60 11.67 -21.37
C LYS A 233 -0.48 10.82 -21.97
N PRO A 234 -0.73 9.52 -22.19
CA PRO A 234 -1.97 8.76 -22.02
C PRO A 234 -2.40 8.54 -20.56
N SER A 235 -3.70 8.67 -20.34
CA SER A 235 -4.33 8.52 -19.03
C SER A 235 -5.13 7.21 -19.01
N PRO A 236 -4.83 6.31 -18.05
CA PRO A 236 -5.60 5.06 -18.03
C PRO A 236 -7.05 5.27 -17.58
N CYS A 237 -7.29 6.31 -16.80
CA CYS A 237 -8.63 6.63 -16.32
C CYS A 237 -9.49 7.13 -17.47
N GLU A 238 -8.85 7.64 -18.52
CA GLU A 238 -9.57 8.12 -19.70
C GLU A 238 -9.77 6.92 -20.61
N PHE A 239 -8.76 6.06 -20.64
CA PHE A 239 -8.80 4.85 -21.46
C PHE A 239 -9.96 3.95 -21.07
N ILE A 240 -10.16 3.70 -19.78
CA ILE A 240 -11.24 2.80 -19.38
C ILE A 240 -12.60 3.31 -19.82
N ASN A 241 -12.75 4.61 -20.06
CA ASN A 241 -13.98 5.17 -20.67
C ASN A 241 -13.74 6.42 -21.52
N THR A 242 -13.52 6.25 -22.82
CA THR A 242 -13.29 7.37 -23.71
C THR A 242 -14.47 8.31 -23.85
N THR A 243 -15.67 7.85 -23.47
CA THR A 243 -16.85 8.69 -23.58
C THR A 243 -16.88 9.72 -22.46
N ALA A 244 -16.75 9.25 -21.22
CA ALA A 244 -16.74 10.16 -20.06
C ALA A 244 -15.50 11.04 -20.14
N ARG A 245 -14.39 10.45 -20.59
CA ARG A 245 -13.13 11.17 -20.71
C ARG A 245 -12.73 11.89 -19.42
N VAL A 246 -12.79 11.17 -18.31
CA VAL A 246 -12.41 11.75 -17.03
C VAL A 246 -11.02 11.21 -16.71
N PRO A 247 -10.06 12.10 -16.45
CA PRO A 247 -8.73 11.58 -16.16
C PRO A 247 -8.44 11.19 -14.70
N CYS A 248 -7.27 10.59 -14.51
CA CYS A 248 -6.84 10.17 -13.19
C CYS A 248 -6.60 11.39 -12.30
N PHE A 249 -6.57 11.15 -10.99
CA PHE A 249 -6.33 12.22 -10.03
C PHE A 249 -4.83 12.40 -9.79
N LEU A 250 -4.45 13.57 -9.31
CA LEU A 250 -3.06 13.86 -9.02
C LEU A 250 -2.97 13.91 -7.51
N ALA A 251 -2.16 13.04 -6.92
CA ALA A 251 -2.03 12.99 -5.47
C ALA A 251 -0.57 12.85 -5.06
N GLY A 252 -0.32 12.85 -3.75
CA GLY A 252 1.04 12.72 -3.26
C GLY A 252 1.65 11.42 -3.73
N ASP A 253 0.80 10.43 -3.97
CA ASP A 253 1.26 9.13 -4.45
C ASP A 253 0.74 8.87 -5.86
N PHE A 254 1.59 8.21 -6.64
CA PHE A 254 1.36 7.86 -8.04
C PHE A 254 0.24 6.84 -8.38
N ARG A 255 -0.11 5.97 -7.43
CA ARG A 255 -1.13 4.93 -7.67
C ARG A 255 -2.53 5.27 -7.17
N ALA A 256 -2.73 6.50 -6.71
CA ALA A 256 -4.01 6.94 -6.13
C ALA A 256 -5.30 6.60 -6.87
N SER A 257 -5.24 6.38 -8.18
CA SER A 257 -6.46 6.09 -8.94
C SER A 257 -6.58 4.66 -9.38
N GLU A 258 -5.75 3.82 -8.81
CA GLU A 258 -5.78 2.43 -9.16
C GLU A 258 -7.15 1.78 -9.01
N GLN A 259 -7.85 2.19 -7.97
CA GLN A 259 -9.21 1.72 -7.75
C GLN A 259 -9.96 2.81 -7.00
N ILE A 260 -11.24 2.91 -7.34
CA ILE A 260 -12.13 3.93 -6.80
C ILE A 260 -12.19 4.17 -5.28
N LEU A 261 -11.99 3.13 -4.47
CA LEU A 261 -12.03 3.33 -3.01
C LEU A 261 -10.72 3.95 -2.52
N LEU A 262 -9.64 3.68 -3.25
CA LEU A 262 -8.35 4.26 -2.91
C LEU A 262 -8.45 5.76 -3.22
N ALA A 263 -8.94 6.09 -4.42
CA ALA A 263 -9.09 7.48 -4.81
C ALA A 263 -9.95 8.17 -3.76
N THR A 264 -10.99 7.46 -3.34
CA THR A 264 -11.90 7.96 -2.33
C THR A 264 -11.15 8.28 -1.04
N ALA A 265 -10.27 7.37 -0.60
CA ALA A 265 -9.50 7.58 0.62
C ALA A 265 -8.56 8.79 0.48
N HIS A 266 -7.98 8.97 -0.70
CA HIS A 266 -7.09 10.12 -0.93
C HIS A 266 -7.86 11.43 -0.85
N THR A 267 -9.10 11.42 -1.33
CA THR A 267 -9.95 12.62 -1.31
C THR A 267 -10.26 13.03 0.13
N LEU A 268 -10.60 12.06 0.96
CA LEU A 268 -10.86 12.34 2.36
C LEU A 268 -9.64 12.96 3.03
N LEU A 269 -8.46 12.42 2.71
CA LEU A 269 -7.24 12.94 3.31
C LEU A 269 -6.92 14.37 2.89
N LEU A 270 -7.13 14.68 1.62
CA LEU A 270 -6.89 16.04 1.13
C LEU A 270 -7.83 17.03 1.84
N ARG A 271 -9.13 16.72 1.83
CA ARG A 271 -10.11 17.59 2.49
C ARG A 271 -9.69 17.86 3.93
N GLU A 272 -9.19 16.83 4.61
CA GLU A 272 -8.75 16.97 5.98
C GLU A 272 -7.63 18.00 6.10
N HIS A 273 -6.70 17.97 5.15
CA HIS A 273 -5.59 18.91 5.18
C HIS A 273 -6.14 20.34 5.09
N ASN A 274 -6.94 20.57 4.06
CA ASN A 274 -7.50 21.89 3.86
C ASN A 274 -8.36 22.38 5.03
N ARG A 275 -9.19 21.49 5.60
CA ARG A 275 -10.03 21.87 6.73
C ARG A 275 -9.19 22.26 7.94
N LEU A 276 -8.04 21.59 8.09
CA LEU A 276 -7.15 21.90 9.20
C LEU A 276 -6.45 23.21 8.90
N ALA A 277 -6.12 23.41 7.63
CA ALA A 277 -5.46 24.64 7.21
C ALA A 277 -6.38 25.83 7.49
N ARG A 278 -7.66 25.69 7.14
CA ARG A 278 -8.62 26.76 7.36
C ARG A 278 -8.85 27.03 8.85
N GLU A 279 -8.91 25.97 9.65
CA GLU A 279 -9.12 26.12 11.08
C GLU A 279 -7.94 26.75 11.80
N LEU A 280 -6.74 26.52 11.28
CA LEU A 280 -5.54 27.09 11.88
C LEU A 280 -5.40 28.57 11.53
N LYS A 281 -5.93 28.98 10.40
CA LYS A 281 -5.85 30.39 10.01
C LYS A 281 -6.66 31.14 11.03
N LYS A 282 -7.88 30.66 11.28
CA LYS A 282 -8.78 31.29 12.24
C LYS A 282 -8.13 31.47 13.61
N LEU A 283 -7.45 30.44 14.10
CA LEU A 283 -6.81 30.50 15.41
C LEU A 283 -5.51 31.29 15.39
N ASN A 284 -4.86 31.34 14.23
CA ASN A 284 -3.61 32.06 14.08
C ASN A 284 -3.59 32.81 12.75
N PRO A 285 -4.30 33.95 12.68
CA PRO A 285 -4.39 34.76 11.47
C PRO A 285 -3.04 35.36 11.08
N HIS A 286 -2.10 35.35 12.02
CA HIS A 286 -0.79 35.92 11.72
C HIS A 286 0.10 34.96 10.92
N TRP A 287 -0.11 33.66 11.09
CA TRP A 287 0.65 32.62 10.40
C TRP A 287 0.59 32.74 8.88
N ASN A 288 1.72 32.51 8.21
CA ASN A 288 1.76 32.60 6.74
C ASN A 288 1.43 31.26 6.07
N GLY A 289 1.41 31.25 4.74
CA GLY A 289 1.10 30.05 4.00
C GLY A 289 1.92 28.82 4.36
N GLU A 290 3.24 28.98 4.31
CA GLU A 290 4.15 27.89 4.64
C GLU A 290 3.85 27.30 6.00
N LYS A 291 3.72 28.17 7.00
CA LYS A 291 3.43 27.79 8.37
C LYS A 291 2.16 26.94 8.46
N LEU A 292 1.12 27.36 7.74
CA LEU A 292 -0.16 26.66 7.71
C LEU A 292 -0.09 25.31 6.99
N TYR A 293 0.66 25.25 5.90
CA TYR A 293 0.81 24.01 5.15
C TYR A 293 1.50 22.98 6.05
N GLN A 294 2.66 23.35 6.58
CA GLN A 294 3.43 22.48 7.45
C GLN A 294 2.69 22.01 8.70
N GLU A 295 2.05 22.94 9.43
CA GLU A 295 1.34 22.53 10.63
C GLU A 295 0.16 21.60 10.33
N ALA A 296 -0.48 21.79 9.18
CA ALA A 296 -1.61 20.94 8.78
C ALA A 296 -1.09 19.55 8.43
N ARG A 297 0.00 19.53 7.67
CA ARG A 297 0.67 18.31 7.24
C ARG A 297 1.07 17.51 8.46
N LYS A 298 1.68 18.20 9.42
CA LYS A 298 2.13 17.60 10.66
C LYS A 298 0.96 16.92 11.38
N ILE A 299 -0.17 17.62 11.49
CA ILE A 299 -1.34 17.04 12.15
C ILE A 299 -1.87 15.83 11.39
N LEU A 300 -1.90 15.90 10.06
CA LEU A 300 -2.39 14.80 9.26
C LEU A 300 -1.49 13.56 9.38
N GLY A 301 -0.17 13.78 9.39
CA GLY A 301 0.74 12.64 9.50
C GLY A 301 0.53 11.92 10.82
N ALA A 302 0.32 12.69 11.88
CA ALA A 302 0.08 12.12 13.20
C ALA A 302 -1.21 11.31 13.18
N PHE A 303 -2.21 11.82 12.45
CA PHE A 303 -3.50 11.16 12.33
C PHE A 303 -3.33 9.76 11.77
N ILE A 304 -2.57 9.65 10.69
CA ILE A 304 -2.33 8.37 10.04
C ILE A 304 -1.54 7.44 10.96
N GLN A 305 -0.61 8.00 11.73
CA GLN A 305 0.16 7.15 12.64
C GLN A 305 -0.75 6.59 13.74
N ILE A 306 -1.55 7.46 14.34
CA ILE A 306 -2.45 7.02 15.41
C ILE A 306 -3.47 6.00 14.94
N ILE A 307 -4.19 6.31 13.87
CA ILE A 307 -5.17 5.36 13.35
C ILE A 307 -4.50 4.01 13.06
N THR A 308 -3.33 4.07 12.44
CA THR A 308 -2.58 2.86 12.08
C THR A 308 -2.11 2.04 13.29
N PHE A 309 -1.36 2.66 14.18
CA PHE A 309 -0.88 1.93 15.34
C PHE A 309 -1.87 1.63 16.45
N ARG A 310 -2.84 2.51 16.67
CA ARG A 310 -3.82 2.27 17.73
C ARG A 310 -5.06 1.50 17.28
N ASP A 311 -5.49 1.68 16.04
CA ASP A 311 -6.68 1.00 15.56
C ASP A 311 -6.48 -0.16 14.59
N TYR A 312 -5.59 0.01 13.62
CA TYR A 312 -5.35 -0.99 12.59
C TYR A 312 -4.44 -2.17 12.91
N LEU A 313 -3.21 -1.90 13.34
CA LEU A 313 -2.28 -2.99 13.65
C LEU A 313 -2.75 -4.01 14.68
N PRO A 314 -3.41 -3.56 15.76
CA PRO A 314 -3.88 -4.50 16.78
C PRO A 314 -4.80 -5.56 16.18
N ILE A 315 -5.66 -5.16 15.25
CA ILE A 315 -6.56 -6.14 14.67
C ILE A 315 -5.95 -6.85 13.47
N VAL A 316 -4.71 -6.51 13.11
CA VAL A 316 -4.06 -7.23 12.03
C VAL A 316 -3.13 -8.24 12.72
N LEU A 317 -2.34 -7.75 13.67
CA LEU A 317 -1.40 -8.62 14.36
C LEU A 317 -2.00 -9.43 15.52
N GLY A 318 -3.14 -9.01 16.06
CA GLY A 318 -3.78 -9.76 17.14
C GLY A 318 -2.96 -10.02 18.39
N SER A 319 -2.76 -11.30 18.71
CA SER A 319 -2.00 -11.67 19.91
C SER A 319 -0.50 -11.40 19.78
N GLU A 320 -0.02 -11.17 18.56
CA GLU A 320 1.40 -10.90 18.34
C GLU A 320 1.75 -9.42 18.48
N MET A 321 0.73 -8.59 18.54
CA MET A 321 0.89 -7.14 18.65
C MET A 321 1.82 -6.68 19.79
N GLN A 322 1.55 -7.12 21.01
CA GLN A 322 2.38 -6.72 22.15
C GLN A 322 3.82 -7.22 22.06
N LYS A 323 3.97 -8.40 21.48
CA LYS A 323 5.27 -9.03 21.31
C LYS A 323 6.22 -8.19 20.44
N TRP A 324 5.76 -7.83 19.24
CA TRP A 324 6.57 -7.06 18.29
C TRP A 324 6.46 -5.54 18.42
N ILE A 325 5.30 -5.08 18.86
CA ILE A 325 5.10 -3.65 19.00
C ILE A 325 4.70 -3.32 20.42
N PRO A 326 5.65 -3.42 21.35
CA PRO A 326 5.31 -3.11 22.74
C PRO A 326 5.00 -1.62 22.84
N PRO A 327 4.36 -1.18 23.93
CA PRO A 327 4.05 0.25 24.04
C PRO A 327 5.29 1.13 23.78
N TYR A 328 5.07 2.34 23.29
CA TYR A 328 6.14 3.29 22.96
C TYR A 328 6.99 3.73 24.14
N GLN A 329 8.30 3.84 23.91
CA GLN A 329 9.28 4.21 24.92
C GLN A 329 10.12 5.40 24.47
N GLY A 330 9.94 5.84 23.23
CA GLY A 330 10.71 6.97 22.76
C GLY A 330 11.57 6.69 21.55
N TYR A 331 11.92 7.78 20.88
CA TYR A 331 12.75 7.74 19.69
C TYR A 331 14.07 7.14 20.01
N ASN A 332 14.52 6.20 19.20
CA ASN A 332 15.84 5.58 19.33
C ASN A 332 16.62 5.72 18.05
N ASN A 333 17.65 6.54 18.02
CA ASN A 333 18.39 6.76 16.80
C ASN A 333 19.25 5.63 16.24
N SER A 334 19.28 4.47 16.91
CA SER A 334 20.08 3.35 16.40
C SER A 334 19.20 2.43 15.55
N VAL A 335 17.89 2.66 15.62
CA VAL A 335 16.93 1.85 14.86
C VAL A 335 16.89 2.22 13.38
N ASP A 336 16.92 1.20 12.52
CA ASP A 336 16.86 1.40 11.07
C ASP A 336 15.39 1.54 10.65
N PRO A 337 14.99 2.76 10.25
CA PRO A 337 13.61 3.05 9.82
C PRO A 337 13.27 2.72 8.37
N ARG A 338 14.24 2.21 7.62
CA ARG A 338 14.01 1.86 6.22
C ARG A 338 13.08 0.66 6.05
N ILE A 339 12.27 0.70 4.99
CA ILE A 339 11.37 -0.40 4.71
C ILE A 339 12.22 -1.48 4.06
N SER A 340 12.03 -2.72 4.50
CA SER A 340 12.79 -3.82 3.94
C SER A 340 12.11 -4.32 2.66
N ASN A 341 12.87 -5.00 1.82
CA ASN A 341 12.34 -5.53 0.58
C ASN A 341 11.26 -6.57 0.90
N VAL A 342 11.52 -7.46 1.86
CA VAL A 342 10.56 -8.49 2.22
C VAL A 342 9.22 -7.93 2.68
N PHE A 343 9.24 -6.78 3.35
CA PHE A 343 8.02 -6.15 3.84
C PHE A 343 7.07 -5.78 2.72
N THR A 344 7.61 -5.37 1.58
CA THR A 344 6.76 -4.98 0.47
C THR A 344 5.99 -6.18 -0.07
N PHE A 345 6.41 -7.38 0.31
CA PHE A 345 5.70 -8.58 -0.11
C PHE A 345 4.83 -9.09 1.02
N ALA A 346 5.28 -8.90 2.26
CA ALA A 346 4.51 -9.36 3.41
C ALA A 346 3.23 -8.55 3.53
N PHE A 347 3.31 -7.26 3.26
CA PHE A 347 2.16 -6.38 3.34
C PHE A 347 1.15 -6.68 2.21
N ARG A 348 1.54 -7.50 1.24
CA ARG A 348 0.61 -7.83 0.15
C ARG A 348 -0.43 -8.84 0.61
N PHE A 349 -0.57 -9.00 1.93
CA PHE A 349 -1.55 -9.93 2.45
C PHE A 349 -2.91 -9.31 2.19
N GLY A 350 -2.93 -8.00 2.01
CA GLY A 350 -4.17 -7.30 1.74
C GLY A 350 -4.87 -7.79 0.48
N HIS A 351 -4.09 -8.26 -0.48
CA HIS A 351 -4.66 -8.75 -1.73
C HIS A 351 -5.69 -9.87 -1.54
N MET A 352 -5.63 -10.57 -0.41
CA MET A 352 -6.59 -11.64 -0.16
C MET A 352 -7.77 -11.13 0.67
N GLU A 353 -7.81 -9.81 0.87
CA GLU A 353 -8.87 -9.20 1.65
C GLU A 353 -9.80 -8.39 0.77
N VAL A 354 -9.45 -8.25 -0.51
CA VAL A 354 -10.26 -7.50 -1.45
C VAL A 354 -11.40 -8.37 -1.96
N PRO A 355 -12.66 -7.91 -1.80
CA PRO A 355 -13.79 -8.70 -2.28
C PRO A 355 -14.08 -8.40 -3.75
N SER A 356 -14.99 -9.18 -4.36
CA SER A 356 -15.34 -9.06 -5.78
C SER A 356 -16.24 -7.89 -6.19
N THR A 357 -16.82 -7.19 -5.22
CA THR A 357 -17.73 -6.10 -5.57
C THR A 357 -17.63 -4.89 -4.64
N VAL A 358 -18.12 -3.74 -5.13
CA VAL A 358 -18.14 -2.50 -4.36
C VAL A 358 -19.55 -1.92 -4.43
N SER A 359 -20.05 -1.38 -3.32
CA SER A 359 -21.40 -0.82 -3.31
C SER A 359 -21.44 0.66 -3.02
N ARG A 360 -22.53 1.27 -3.47
CA ARG A 360 -22.82 2.68 -3.23
C ARG A 360 -24.07 2.57 -2.35
N LEU A 361 -24.10 3.30 -1.25
CA LEU A 361 -25.24 3.25 -0.35
C LEU A 361 -25.76 4.66 -0.09
N ASP A 362 -27.08 4.81 0.04
CA ASP A 362 -27.60 6.16 0.30
C ASP A 362 -27.58 6.48 1.79
N GLU A 363 -28.21 7.60 2.14
CA GLU A 363 -28.24 8.04 3.52
C GLU A 363 -28.92 7.10 4.52
N ASN A 364 -29.71 6.16 4.03
CA ASN A 364 -30.36 5.18 4.90
C ASN A 364 -29.51 3.92 4.81
N TYR A 365 -28.38 4.04 4.12
CA TYR A 365 -27.48 2.93 3.94
C TYR A 365 -28.15 1.81 3.18
N GLN A 366 -28.91 2.20 2.16
CA GLN A 366 -29.59 1.27 1.28
C GLN A 366 -29.01 1.55 -0.10
N PRO A 367 -29.12 0.58 -1.02
CA PRO A 367 -28.61 0.72 -2.39
C PRO A 367 -28.84 2.12 -2.94
N TRP A 368 -27.81 2.69 -3.55
CA TRP A 368 -27.89 4.02 -4.12
C TRP A 368 -28.06 3.83 -5.64
N GLY A 369 -29.31 3.86 -6.10
CA GLY A 369 -29.57 3.70 -7.52
C GLY A 369 -29.71 2.26 -7.99
N PRO A 370 -29.96 2.06 -9.30
CA PRO A 370 -30.12 0.75 -9.96
C PRO A 370 -28.88 -0.14 -10.08
N GLU A 371 -27.69 0.47 -10.12
CA GLU A 371 -26.45 -0.30 -10.20
C GLU A 371 -25.56 0.10 -9.03
N ALA A 372 -26.13 0.11 -7.82
CA ALA A 372 -25.39 0.49 -6.61
C ALA A 372 -24.19 -0.42 -6.40
N GLU A 373 -24.33 -1.67 -6.78
CA GLU A 373 -23.25 -2.64 -6.61
C GLU A 373 -22.57 -2.96 -7.93
N LEU A 374 -21.23 -2.90 -7.94
CA LEU A 374 -20.46 -3.16 -9.16
C LEU A 374 -19.31 -4.13 -8.95
N PRO A 375 -18.92 -4.85 -10.02
CA PRO A 375 -17.81 -5.80 -9.89
C PRO A 375 -16.56 -4.96 -9.73
N LEU A 376 -15.65 -5.42 -8.89
CA LEU A 376 -14.41 -4.70 -8.65
C LEU A 376 -13.65 -4.35 -9.93
N HIS A 377 -13.54 -5.28 -10.87
CA HIS A 377 -12.75 -4.96 -12.05
C HIS A 377 -13.21 -3.74 -12.88
N THR A 378 -14.51 -3.40 -12.85
CA THR A 378 -14.95 -2.23 -13.61
C THR A 378 -14.57 -0.95 -12.88
N LEU A 379 -13.94 -1.08 -11.72
CA LEU A 379 -13.56 0.10 -10.96
C LEU A 379 -12.07 0.43 -10.97
N PHE A 380 -11.25 -0.37 -11.63
CA PHE A 380 -9.83 -0.05 -11.69
C PHE A 380 -9.71 1.23 -12.52
N PHE A 381 -8.88 2.15 -12.05
CA PHE A 381 -8.65 3.41 -12.77
C PHE A 381 -9.93 4.08 -13.20
N ASN A 382 -10.93 4.02 -12.33
CA ASN A 382 -12.23 4.60 -12.61
C ASN A 382 -12.51 5.82 -11.74
N THR A 383 -12.38 6.99 -12.34
CA THR A 383 -12.62 8.25 -11.63
C THR A 383 -14.01 8.84 -12.00
N TRP A 384 -14.47 8.56 -13.21
CA TRP A 384 -15.77 9.10 -13.62
C TRP A 384 -16.91 8.65 -12.72
N ARG A 385 -16.86 7.41 -12.24
CA ARG A 385 -17.91 6.91 -11.34
C ARG A 385 -17.99 7.75 -10.06
N ILE A 386 -16.98 8.58 -9.82
CA ILE A 386 -16.98 9.43 -8.64
C ILE A 386 -17.49 10.82 -9.01
N ILE A 387 -16.85 11.42 -10.01
CA ILE A 387 -17.19 12.76 -10.48
C ILE A 387 -18.55 12.82 -11.15
N LYS A 388 -18.81 11.87 -12.05
CA LYS A 388 -20.05 11.83 -12.79
C LYS A 388 -21.10 10.86 -12.24
N ASP A 389 -20.98 10.44 -10.98
CA ASP A 389 -21.96 9.48 -10.48
C ASP A 389 -22.15 9.39 -8.95
N GLY A 390 -22.31 10.52 -8.26
CA GLY A 390 -22.53 10.48 -6.83
C GLY A 390 -21.46 11.01 -5.87
N GLY A 391 -20.24 11.24 -6.35
CA GLY A 391 -19.21 11.75 -5.44
C GLY A 391 -18.77 10.65 -4.48
N ILE A 392 -17.98 10.98 -3.46
CA ILE A 392 -17.50 9.95 -2.55
C ILE A 392 -18.41 9.53 -1.39
N ASP A 393 -19.36 10.37 -0.99
CA ASP A 393 -20.24 10.00 0.14
C ASP A 393 -20.84 8.58 0.09
N PRO A 394 -21.39 8.16 -1.07
CA PRO A 394 -21.99 6.82 -1.26
C PRO A 394 -20.99 5.67 -1.14
N LEU A 395 -19.79 5.87 -1.70
CA LEU A 395 -18.74 4.86 -1.67
C LEU A 395 -18.18 4.71 -0.26
N VAL A 396 -18.15 5.81 0.49
CA VAL A 396 -17.66 5.79 1.86
C VAL A 396 -18.66 5.08 2.79
N ARG A 397 -19.93 5.03 2.41
CA ARG A 397 -20.91 4.34 3.25
C ARG A 397 -20.70 2.86 2.98
N GLY A 398 -20.34 2.55 1.74
CA GLY A 398 -20.10 1.17 1.38
C GLY A 398 -18.90 0.66 2.17
N LEU A 399 -17.88 1.51 2.29
CA LEU A 399 -16.69 1.14 3.04
C LEU A 399 -17.03 0.84 4.50
N LEU A 400 -18.01 1.56 5.04
CA LEU A 400 -18.43 1.39 6.42
C LEU A 400 -19.36 0.20 6.68
N ALA A 401 -20.31 -0.02 5.76
CA ALA A 401 -21.29 -1.09 5.93
C ALA A 401 -21.01 -2.40 5.24
N LYS A 402 -20.08 -2.43 4.29
CA LYS A 402 -19.79 -3.67 3.61
C LYS A 402 -18.58 -4.31 4.26
N LYS A 403 -18.30 -5.57 3.93
CA LYS A 403 -17.19 -6.33 4.53
C LYS A 403 -15.99 -6.56 3.63
N SER A 404 -14.85 -6.86 4.27
CA SER A 404 -13.63 -7.17 3.56
C SER A 404 -13.75 -8.65 3.28
N LYS A 405 -12.93 -9.16 2.36
CA LYS A 405 -12.95 -10.58 2.10
C LYS A 405 -12.09 -11.12 3.25
N LEU A 406 -12.32 -12.37 3.63
CA LEU A 406 -11.53 -12.98 4.68
C LEU A 406 -10.49 -13.88 4.00
N MET A 407 -9.27 -13.96 4.54
CA MET A 407 -8.29 -14.83 3.89
C MET A 407 -8.87 -16.22 4.13
N ASN A 408 -8.67 -17.10 3.17
CA ASN A 408 -9.21 -18.45 3.23
C ASN A 408 -8.25 -19.31 2.43
N GLN A 409 -7.73 -20.37 3.03
CA GLN A 409 -6.78 -21.24 2.33
C GLN A 409 -7.31 -21.86 1.04
N ASP A 410 -8.63 -22.00 0.94
CA ASP A 410 -9.24 -22.60 -0.26
C ASP A 410 -9.80 -21.55 -1.22
N LYS A 411 -9.79 -20.28 -0.80
CA LYS A 411 -10.29 -19.17 -1.60
C LYS A 411 -9.41 -17.96 -1.33
N MET A 412 -8.22 -17.94 -1.90
CA MET A 412 -7.27 -16.87 -1.64
C MET A 412 -7.52 -15.51 -2.31
N VAL A 413 -7.40 -15.44 -3.63
CA VAL A 413 -7.56 -14.17 -4.32
C VAL A 413 -8.69 -14.15 -5.34
N THR A 414 -9.61 -13.21 -5.18
CA THR A 414 -10.75 -13.06 -6.07
C THR A 414 -10.36 -12.95 -7.55
N SER A 415 -11.10 -13.63 -8.41
CA SER A 415 -10.84 -13.61 -9.85
C SER A 415 -10.85 -12.20 -10.43
N GLU A 416 -11.42 -11.24 -9.71
CA GLU A 416 -11.43 -9.90 -10.23
C GLU A 416 -9.98 -9.36 -10.26
N LEU A 417 -9.15 -9.83 -9.34
CA LEU A 417 -7.75 -9.41 -9.25
C LEU A 417 -6.85 -10.43 -9.94
N ARG A 418 -7.25 -11.69 -9.83
CA ARG A 418 -6.47 -12.78 -10.41
C ARG A 418 -6.64 -13.01 -11.91
N ASN A 419 -7.74 -12.55 -12.49
CA ASN A 419 -7.98 -12.73 -13.93
C ASN A 419 -8.36 -11.47 -14.66
N LYS A 420 -8.86 -10.48 -13.93
CA LYS A 420 -9.32 -9.26 -14.57
C LYS A 420 -8.62 -7.95 -14.23
N LEU A 421 -7.43 -7.99 -13.65
CA LEU A 421 -6.71 -6.75 -13.33
C LEU A 421 -6.31 -5.98 -14.60
N PHE A 422 -6.43 -4.66 -14.56
CA PHE A 422 -6.06 -3.80 -15.67
C PHE A 422 -4.75 -3.13 -15.27
N GLN A 423 -3.86 -2.97 -16.25
CA GLN A 423 -2.59 -2.32 -15.99
C GLN A 423 -2.34 -1.24 -17.04
N PRO A 424 -2.02 -0.01 -16.60
CA PRO A 424 -1.77 1.09 -17.55
C PRO A 424 -0.87 0.66 -18.71
N THR A 425 -1.15 1.22 -19.89
CA THR A 425 -0.44 0.97 -21.15
C THR A 425 -0.85 -0.32 -21.82
N HIS A 426 -1.13 -1.35 -21.03
CA HIS A 426 -1.57 -2.59 -21.62
C HIS A 426 -3.05 -2.28 -21.89
N LYS A 427 -3.78 -3.10 -22.62
CA LYS A 427 -5.16 -2.71 -22.96
C LYS A 427 -6.34 -3.41 -22.34
N ILE A 428 -6.08 -4.57 -21.77
CA ILE A 428 -7.14 -5.41 -21.21
C ILE A 428 -7.28 -5.52 -19.70
N HIS A 429 -8.48 -5.96 -19.30
CA HIS A 429 -8.75 -6.23 -17.90
C HIS A 429 -8.51 -7.74 -17.92
N GLY A 430 -7.26 -8.13 -18.09
CA GLY A 430 -6.95 -9.54 -18.14
C GLY A 430 -5.71 -10.00 -17.41
N PHE A 431 -5.22 -9.21 -16.47
CA PHE A 431 -4.02 -9.62 -15.73
C PHE A 431 -4.31 -10.34 -14.43
N ASP A 432 -3.24 -10.88 -13.84
CA ASP A 432 -3.33 -11.65 -12.61
C ASP A 432 -2.41 -11.07 -11.51
N LEU A 433 -3.01 -10.45 -10.50
CA LEU A 433 -2.23 -9.85 -9.43
C LEU A 433 -1.40 -10.86 -8.62
N ALA A 434 -1.89 -12.10 -8.52
CA ALA A 434 -1.19 -13.14 -7.77
C ALA A 434 0.08 -13.57 -8.46
N ALA A 435 -0.04 -13.88 -9.76
CA ALA A 435 1.09 -14.28 -10.56
C ALA A 435 2.14 -13.18 -10.53
N ILE A 436 1.69 -11.94 -10.63
CA ILE A 436 2.60 -10.79 -10.59
C ILE A 436 3.32 -10.71 -9.26
N ASN A 437 2.60 -10.94 -8.16
CA ASN A 437 3.19 -10.91 -6.81
C ASN A 437 4.34 -11.90 -6.73
N LEU A 438 4.13 -13.07 -7.32
CA LEU A 438 5.11 -14.14 -7.32
C LEU A 438 6.30 -13.89 -8.24
N GLN A 439 6.03 -13.29 -9.39
CA GLN A 439 7.11 -13.00 -10.33
C GLN A 439 7.99 -11.92 -9.69
N ARG A 440 7.34 -11.02 -8.97
CA ARG A 440 8.02 -9.91 -8.30
C ARG A 440 8.88 -10.38 -7.12
N CYS A 441 8.51 -11.49 -6.49
CA CYS A 441 9.31 -12.02 -5.38
C CYS A 441 10.66 -12.43 -5.94
N ARG A 442 10.59 -13.13 -7.06
CA ARG A 442 11.78 -13.61 -7.75
C ARG A 442 12.56 -12.44 -8.31
N ASP A 443 11.84 -11.49 -8.90
CA ASP A 443 12.46 -10.31 -9.48
C ASP A 443 13.30 -9.60 -8.39
N HIS A 444 12.76 -9.51 -7.18
CA HIS A 444 13.43 -8.87 -6.06
C HIS A 444 14.46 -9.75 -5.35
N GLY A 445 14.70 -10.95 -5.84
CA GLY A 445 15.68 -11.81 -5.20
C GLY A 445 15.30 -12.23 -3.77
N MET A 446 14.02 -12.47 -3.54
CA MET A 446 13.51 -12.86 -2.22
C MET A 446 13.95 -14.23 -1.73
N PRO A 447 14.44 -14.31 -0.49
CA PRO A 447 14.81 -15.66 -0.04
C PRO A 447 13.51 -16.46 0.06
N GLY A 448 13.61 -17.79 0.15
CA GLY A 448 12.42 -18.59 0.23
C GLY A 448 11.75 -18.63 1.59
N TYR A 449 10.63 -19.36 1.66
CA TYR A 449 9.82 -19.50 2.86
C TYR A 449 10.57 -19.99 4.12
N ASN A 450 11.41 -21.01 4.00
CA ASN A 450 12.10 -21.46 5.20
C ASN A 450 13.16 -20.49 5.71
N SER A 451 13.79 -19.78 4.78
CA SER A 451 14.79 -18.80 5.19
C SER A 451 14.10 -17.82 6.10
N TRP A 452 12.89 -17.42 5.72
CA TRP A 452 12.13 -16.47 6.53
C TRP A 452 11.55 -17.11 7.80
N ARG A 453 11.14 -18.36 7.75
CA ARG A 453 10.64 -18.99 8.96
C ARG A 453 11.80 -18.93 9.96
N GLY A 454 12.99 -19.33 9.49
CA GLY A 454 14.18 -19.32 10.33
C GLY A 454 14.46 -17.93 10.87
N PHE A 455 14.39 -16.94 10.00
CA PHE A 455 14.60 -15.55 10.36
C PHE A 455 13.70 -15.16 11.52
N CYS A 456 12.52 -15.76 11.56
CA CYS A 456 11.54 -15.44 12.60
C CYS A 456 11.54 -16.37 13.81
N GLY A 457 12.46 -17.33 13.85
CA GLY A 457 12.51 -18.23 14.99
C GLY A 457 11.35 -19.21 15.00
N LEU A 458 10.93 -19.61 13.80
CA LEU A 458 9.83 -20.55 13.64
C LEU A 458 10.38 -21.82 12.99
N SER A 459 9.75 -22.96 13.25
CA SER A 459 10.21 -24.22 12.65
C SER A 459 10.28 -24.09 11.12
N GLN A 460 11.12 -24.93 10.51
CA GLN A 460 11.27 -24.93 9.06
C GLN A 460 10.94 -26.30 8.51
N PRO A 461 9.70 -26.50 8.04
CA PRO A 461 9.25 -27.78 7.49
C PRO A 461 10.06 -28.24 6.27
N LYS A 462 10.42 -29.52 6.23
CA LYS A 462 11.20 -30.08 5.13
C LYS A 462 10.41 -31.13 4.35
N THR A 463 9.32 -31.60 4.94
CA THR A 463 8.48 -32.61 4.29
C THR A 463 7.04 -32.20 4.18
N LEU A 464 6.32 -32.99 3.39
CA LEU A 464 4.90 -32.79 3.19
C LEU A 464 4.20 -32.77 4.54
N LYS A 465 4.44 -33.80 5.34
CA LYS A 465 3.83 -33.93 6.66
C LYS A 465 4.19 -32.77 7.58
N GLY A 466 5.41 -32.26 7.48
CA GLY A 466 5.80 -31.13 8.30
C GLY A 466 5.03 -29.90 7.84
N LEU A 467 4.95 -29.74 6.53
CA LEU A 467 4.24 -28.61 5.95
C LEU A 467 2.75 -28.70 6.28
N GLN A 468 2.20 -29.92 6.30
CA GLN A 468 0.79 -30.10 6.61
C GLN A 468 0.54 -29.55 8.00
N THR A 469 1.35 -29.98 8.95
CA THR A 469 1.21 -29.52 10.33
C THR A 469 1.34 -28.01 10.45
N VAL A 470 2.29 -27.42 9.72
CA VAL A 470 2.47 -25.97 9.80
C VAL A 470 1.27 -25.24 9.17
N LEU A 471 0.78 -25.74 8.04
CA LEU A 471 -0.37 -25.11 7.39
C LEU A 471 -1.68 -25.61 7.98
N LYS A 472 -1.64 -26.75 8.67
CA LYS A 472 -2.82 -27.30 9.24
C LYS A 472 -3.78 -27.52 8.13
N ASN A 473 -3.27 -28.03 7.04
CA ASN A 473 -4.08 -28.25 5.86
C ASN A 473 -3.37 -29.26 4.96
N LYS A 474 -3.92 -30.47 4.90
CA LYS A 474 -3.36 -31.54 4.08
C LYS A 474 -3.32 -31.23 2.59
N ILE A 475 -4.47 -30.86 2.04
CA ILE A 475 -4.56 -30.60 0.61
C ILE A 475 -3.70 -29.45 0.09
N LEU A 476 -3.69 -28.32 0.81
CA LEU A 476 -2.89 -27.19 0.35
C LEU A 476 -1.39 -27.52 0.44
N ALA A 477 -0.98 -28.21 1.50
CA ALA A 477 0.41 -28.58 1.63
C ALA A 477 0.81 -29.50 0.49
N LYS A 478 -0.13 -30.38 0.09
CA LYS A 478 0.12 -31.33 -0.99
C LYS A 478 0.31 -30.63 -2.34
N LYS A 479 -0.54 -29.65 -2.63
CA LYS A 479 -0.42 -28.90 -3.89
C LYS A 479 0.89 -28.12 -3.91
N LEU A 480 1.21 -27.45 -2.79
CA LEU A 480 2.45 -26.68 -2.71
C LEU A 480 3.66 -27.57 -2.94
N MET A 481 3.67 -28.74 -2.31
CA MET A 481 4.77 -29.68 -2.47
C MET A 481 4.87 -30.18 -3.89
N ASP A 482 3.73 -30.39 -4.54
CA ASP A 482 3.72 -30.85 -5.92
C ASP A 482 4.23 -29.78 -6.87
N LEU A 483 3.99 -28.51 -6.52
CA LEU A 483 4.44 -27.38 -7.33
C LEU A 483 5.91 -27.07 -7.03
N TYR A 484 6.18 -26.85 -5.75
CA TYR A 484 7.51 -26.60 -5.24
C TYR A 484 7.83 -27.91 -4.52
N LYS A 485 8.84 -28.64 -4.98
CA LYS A 485 9.19 -29.92 -4.37
C LYS A 485 9.70 -29.80 -2.93
N THR A 486 10.09 -28.60 -2.51
CA THR A 486 10.57 -28.40 -1.13
C THR A 486 10.08 -27.07 -0.61
N PRO A 487 9.71 -27.03 0.68
CA PRO A 487 9.23 -25.79 1.29
C PRO A 487 10.30 -24.71 1.20
N ASP A 488 11.55 -25.13 1.01
CA ASP A 488 12.65 -24.17 0.91
C ASP A 488 12.45 -23.26 -0.29
N ASN A 489 11.82 -23.79 -1.34
CA ASN A 489 11.58 -23.08 -2.58
C ASN A 489 10.29 -22.28 -2.69
N ILE A 490 9.42 -22.38 -1.69
CA ILE A 490 8.15 -21.65 -1.73
C ILE A 490 8.31 -20.14 -1.65
N ASP A 491 7.77 -19.45 -2.64
CA ASP A 491 7.84 -18.00 -2.66
C ASP A 491 7.23 -17.48 -1.37
N ILE A 492 7.87 -16.47 -0.79
CA ILE A 492 7.43 -15.88 0.48
C ILE A 492 6.01 -15.32 0.53
N TRP A 493 5.58 -14.66 -0.54
CA TRP A 493 4.23 -14.10 -0.58
C TRP A 493 3.17 -15.16 -0.32
N ILE A 494 3.29 -16.26 -1.06
CA ILE A 494 2.36 -17.35 -0.97
C ILE A 494 2.53 -18.21 0.29
N GLY A 495 3.78 -18.47 0.70
CA GLY A 495 4.01 -19.26 1.90
C GLY A 495 3.54 -18.52 3.14
N GLY A 496 3.82 -17.22 3.18
CA GLY A 496 3.42 -16.43 4.33
C GLY A 496 1.92 -16.29 4.46
N ASN A 497 1.22 -16.25 3.33
CA ASN A 497 -0.23 -16.11 3.35
C ASN A 497 -1.00 -17.42 3.49
N ALA A 498 -0.30 -18.54 3.37
CA ALA A 498 -0.92 -19.86 3.49
C ALA A 498 -1.13 -20.29 4.95
N GLU A 499 -0.34 -19.73 5.86
CA GLU A 499 -0.43 -20.07 7.28
C GLU A 499 -1.71 -19.55 7.94
N PRO A 500 -2.37 -20.39 8.75
CA PRO A 500 -3.61 -19.98 9.43
C PRO A 500 -3.30 -18.72 10.22
N MET A 501 -4.31 -17.87 10.41
CA MET A 501 -4.13 -16.60 11.13
C MET A 501 -4.02 -16.78 12.65
N VAL A 502 -3.26 -15.91 13.29
CA VAL A 502 -3.06 -15.94 14.74
C VAL A 502 -4.32 -15.42 15.43
N GLU A 503 -4.53 -15.91 16.64
CA GLU A 503 -5.67 -15.50 17.46
C GLU A 503 -5.87 -13.98 17.37
N ARG A 504 -7.10 -13.57 17.09
CA ARG A 504 -7.46 -12.14 16.99
C ARG A 504 -6.78 -11.33 15.90
N GLY A 505 -6.08 -12.00 14.99
CA GLY A 505 -5.40 -11.28 13.91
C GLY A 505 -5.89 -11.69 12.54
N ARG A 506 -5.24 -11.20 11.49
CA ARG A 506 -5.65 -11.55 10.14
C ARG A 506 -4.49 -12.05 9.29
N VAL A 507 -3.36 -12.32 9.96
CA VAL A 507 -2.19 -12.88 9.28
C VAL A 507 -1.64 -14.00 10.14
N GLY A 508 -0.85 -14.88 9.52
CA GLY A 508 -0.26 -15.99 10.25
C GLY A 508 0.91 -15.51 11.09
N PRO A 509 1.66 -16.43 11.71
CA PRO A 509 2.83 -16.16 12.57
C PRO A 509 4.00 -15.52 11.84
N LEU A 510 4.40 -16.11 10.72
CA LEU A 510 5.51 -15.61 9.93
C LEU A 510 5.23 -14.16 9.58
N LEU A 511 4.12 -13.92 8.91
CA LEU A 511 3.80 -12.56 8.52
C LEU A 511 3.69 -11.59 9.69
N ALA A 512 3.16 -12.05 10.83
CA ALA A 512 3.02 -11.18 11.99
C ALA A 512 4.42 -10.75 12.47
N CYS A 513 5.38 -11.66 12.36
CA CYS A 513 6.75 -11.38 12.75
C CYS A 513 7.38 -10.36 11.80
N LEU A 514 7.25 -10.59 10.50
CA LEU A 514 7.80 -9.68 9.49
C LEU A 514 7.14 -8.29 9.58
N LEU A 515 5.80 -8.26 9.59
CA LEU A 515 5.08 -6.99 9.69
C LEU A 515 5.35 -6.33 11.02
N GLY A 516 5.31 -7.13 12.09
CA GLY A 516 5.53 -6.61 13.43
C GLY A 516 6.85 -5.87 13.57
N ARG A 517 7.94 -6.51 13.12
CA ARG A 517 9.26 -5.93 13.17
C ARG A 517 9.36 -4.63 12.37
N GLN A 518 8.83 -4.61 11.15
CA GLN A 518 8.91 -3.42 10.33
C GLN A 518 8.21 -2.24 10.96
N PHE A 519 6.96 -2.44 11.37
CA PHE A 519 6.22 -1.36 11.99
C PHE A 519 6.86 -0.88 13.30
N GLN A 520 7.49 -1.80 14.02
CA GLN A 520 8.16 -1.41 15.25
C GLN A 520 9.32 -0.46 14.90
N GLN A 521 10.05 -0.77 13.83
CA GLN A 521 11.17 0.06 13.40
C GLN A 521 10.68 1.40 12.85
N ILE A 522 9.56 1.37 12.14
CA ILE A 522 8.96 2.56 11.57
C ILE A 522 8.64 3.58 12.68
N ARG A 523 8.18 3.08 13.81
CA ARG A 523 7.84 3.96 14.92
C ARG A 523 9.07 4.36 15.75
N ASP A 524 9.82 3.38 16.22
CA ASP A 524 11.00 3.62 17.05
C ASP A 524 12.11 4.42 16.35
N GLY A 525 12.20 4.32 15.04
CA GLY A 525 13.25 5.04 14.32
C GLY A 525 12.81 6.34 13.66
N ASP A 526 11.68 6.90 14.11
CA ASP A 526 11.15 8.14 13.54
C ASP A 526 11.36 9.32 14.48
N ARG A 527 12.26 10.23 14.13
CA ARG A 527 12.50 11.38 14.99
C ARG A 527 11.26 12.24 15.11
N PHE A 528 10.35 12.14 14.13
CA PHE A 528 9.13 12.95 14.16
C PHE A 528 7.86 12.21 14.58
N TRP A 529 8.00 11.02 15.17
CA TRP A 529 6.84 10.27 15.61
C TRP A 529 5.99 11.22 16.46
N TRP A 530 4.67 11.17 16.29
CA TRP A 530 3.77 12.06 17.02
C TRP A 530 3.94 12.08 18.54
N GLU A 531 4.26 10.92 19.11
CA GLU A 531 4.43 10.77 20.55
C GLU A 531 5.82 11.05 21.08
N ASN A 532 6.78 11.25 20.18
CA ASN A 532 8.13 11.52 20.63
C ASN A 532 8.13 12.86 21.37
N PRO A 533 8.57 12.88 22.64
CA PRO A 533 8.61 14.13 23.39
C PRO A 533 9.23 15.26 22.57
N GLY A 534 8.61 16.43 22.58
CA GLY A 534 9.16 17.55 21.84
C GLY A 534 8.50 17.86 20.50
N VAL A 535 8.02 16.82 19.82
CA VAL A 535 7.37 16.99 18.51
C VAL A 535 6.06 17.77 18.66
N PHE A 536 5.20 17.36 19.58
CA PHE A 536 3.94 18.05 19.84
C PHE A 536 3.96 18.48 21.30
N THR A 537 3.24 19.54 21.65
CA THR A 537 3.20 19.94 23.05
C THR A 537 2.38 18.85 23.71
N GLU A 538 2.40 18.81 25.04
CA GLU A 538 1.63 17.80 25.73
C GLU A 538 0.11 18.02 25.64
N LYS A 539 -0.30 19.27 25.58
CA LYS A 539 -1.74 19.57 25.48
C LYS A 539 -2.23 19.25 24.07
N GLN A 540 -1.33 19.37 23.10
CA GLN A 540 -1.66 19.08 21.72
C GLN A 540 -1.83 17.58 21.58
N ARG A 541 -1.01 16.83 22.32
CA ARG A 541 -1.07 15.38 22.29
C ARG A 541 -2.34 14.86 22.94
N ASP A 542 -2.87 15.60 23.90
CA ASP A 542 -4.10 15.19 24.56
C ASP A 542 -5.25 15.34 23.56
N SER A 543 -5.12 16.31 22.66
CA SER A 543 -6.14 16.55 21.63
C SER A 543 -6.05 15.52 20.50
N LEU A 544 -4.84 15.06 20.21
CA LEU A 544 -4.61 14.09 19.15
C LEU A 544 -5.07 12.69 19.54
N GLN A 545 -5.11 12.43 20.84
CA GLN A 545 -5.53 11.14 21.38
C GLN A 545 -6.99 10.87 21.09
N LYS A 546 -7.71 11.92 20.70
CA LYS A 546 -9.14 11.81 20.42
C LYS A 546 -9.53 11.49 18.97
N VAL A 547 -8.59 11.59 18.02
CA VAL A 547 -8.90 11.32 16.61
C VAL A 547 -9.45 9.92 16.35
N SER A 548 -10.26 9.79 15.31
CA SER A 548 -10.86 8.52 14.93
C SER A 548 -11.14 8.58 13.45
N PHE A 549 -11.36 7.44 12.80
CA PHE A 549 -11.64 7.47 11.38
C PHE A 549 -13.08 7.91 11.18
N SER A 550 -13.91 7.71 12.19
CA SER A 550 -15.30 8.11 12.10
C SER A 550 -15.38 9.63 11.99
N ARG A 551 -14.63 10.31 12.85
CA ARG A 551 -14.62 11.77 12.87
C ARG A 551 -14.07 12.34 11.55
N LEU A 552 -13.05 11.70 10.98
CA LEU A 552 -12.49 12.18 9.72
C LEU A 552 -13.58 12.19 8.66
N ILE A 553 -14.44 11.18 8.71
CA ILE A 553 -15.54 11.04 7.77
C ILE A 553 -16.59 12.13 8.00
N CYS A 554 -17.03 12.30 9.24
CA CYS A 554 -18.02 13.31 9.57
C CYS A 554 -17.53 14.71 9.15
N ASP A 555 -16.29 15.02 9.51
CA ASP A 555 -15.68 16.32 9.19
C ASP A 555 -15.48 16.55 7.69
N ASN A 556 -15.42 15.48 6.90
CA ASN A 556 -15.13 15.66 5.47
C ASN A 556 -16.08 15.06 4.42
N THR A 557 -17.34 14.85 4.78
CA THR A 557 -18.37 14.34 3.86
C THR A 557 -19.63 14.94 4.42
N HIS A 558 -20.80 14.53 3.94
CA HIS A 558 -22.06 15.04 4.46
C HIS A 558 -22.76 13.86 5.12
N ILE A 559 -21.96 12.92 5.61
CA ILE A 559 -22.44 11.73 6.28
C ILE A 559 -22.55 12.06 7.77
N THR A 560 -23.68 11.70 8.38
CA THR A 560 -23.89 11.99 9.80
C THR A 560 -24.20 10.77 10.66
N LYS A 561 -24.09 9.60 10.07
CA LYS A 561 -24.34 8.34 10.78
C LYS A 561 -23.12 7.44 10.59
N VAL A 562 -22.30 7.31 11.64
CA VAL A 562 -21.08 6.51 11.58
C VAL A 562 -20.87 5.52 12.71
N PRO A 563 -20.10 4.46 12.45
CA PRO A 563 -19.84 3.50 13.53
C PRO A 563 -18.80 4.17 14.44
N LEU A 564 -18.59 3.64 15.64
CA LEU A 564 -17.60 4.23 16.54
C LEU A 564 -16.25 3.58 16.24
N HIS A 565 -16.31 2.29 15.92
CA HIS A 565 -15.13 1.49 15.60
C HIS A 565 -15.28 1.11 14.12
N ALA A 566 -14.77 1.98 13.25
CA ALA A 566 -14.84 1.83 11.80
C ALA A 566 -14.26 0.59 11.14
N PHE A 567 -13.29 -0.07 11.75
CA PHE A 567 -12.71 -1.26 11.13
C PHE A 567 -13.45 -2.58 11.34
N GLN A 568 -14.15 -2.71 12.46
CA GLN A 568 -14.89 -3.93 12.70
C GLN A 568 -16.12 -3.94 11.78
N ALA A 569 -16.80 -5.08 11.69
CA ALA A 569 -17.98 -5.16 10.84
C ALA A 569 -19.10 -4.40 11.54
N ASN A 570 -19.69 -3.44 10.84
CA ASN A 570 -20.77 -2.66 11.41
C ASN A 570 -22.03 -2.74 10.55
N ASN A 571 -23.18 -2.84 11.21
CA ASN A 571 -24.45 -2.92 10.51
C ASN A 571 -25.33 -1.73 10.82
N TYR A 572 -25.94 -1.16 9.79
CA TYR A 572 -26.81 -0.01 9.97
C TYR A 572 -28.23 -0.51 10.22
N PRO A 573 -29.01 0.17 11.07
CA PRO A 573 -28.63 1.38 11.80
C PRO A 573 -28.17 1.09 13.23
N HIS A 574 -28.26 -0.18 13.64
CA HIS A 574 -27.87 -0.54 14.99
C HIS A 574 -26.50 -0.04 15.47
N ASP A 575 -25.43 -0.47 14.81
CA ASP A 575 -24.09 -0.08 15.22
C ASP A 575 -23.70 1.34 14.82
N PHE A 576 -24.62 2.08 14.21
CA PHE A 576 -24.31 3.44 13.80
C PHE A 576 -24.85 4.48 14.78
N VAL A 577 -24.13 5.58 14.91
CA VAL A 577 -24.52 6.67 15.80
C VAL A 577 -24.41 7.98 15.03
N ASP A 578 -24.93 9.07 15.61
CA ASP A 578 -24.86 10.36 14.95
C ASP A 578 -23.53 11.02 15.26
N CYS A 579 -22.98 11.74 14.28
CA CYS A 579 -21.71 12.43 14.44
C CYS A 579 -21.54 13.23 15.73
N SER A 580 -22.63 13.71 16.31
CA SER A 580 -22.54 14.51 17.54
C SER A 580 -21.96 13.72 18.71
N THR A 581 -22.24 12.41 18.72
CA THR A 581 -21.76 11.54 19.79
C THR A 581 -20.28 11.15 19.63
N VAL A 582 -19.63 11.71 18.62
CA VAL A 582 -18.22 11.40 18.36
C VAL A 582 -17.20 12.50 18.71
N ASP A 583 -16.10 12.08 19.32
CA ASP A 583 -15.01 12.99 19.72
C ASP A 583 -14.52 13.85 18.56
N LYS A 584 -14.32 15.14 18.80
CA LYS A 584 -13.82 16.04 17.77
C LYS A 584 -12.33 16.22 18.03
N LEU A 585 -11.60 16.71 17.02
CA LEU A 585 -10.19 16.99 17.21
C LEU A 585 -10.23 18.45 17.56
N ASP A 586 -9.97 18.75 18.83
CA ASP A 586 -9.99 20.12 19.30
C ASP A 586 -8.64 20.78 19.01
N LEU A 587 -8.66 21.86 18.22
CA LEU A 587 -7.44 22.55 17.85
C LEU A 587 -6.97 23.73 18.70
N SER A 588 -7.61 24.00 19.83
CA SER A 588 -7.19 25.13 20.67
C SER A 588 -5.72 25.12 21.08
N PRO A 589 -5.16 23.95 21.43
CA PRO A 589 -3.75 23.88 21.83
C PRO A 589 -2.77 24.37 20.77
N TRP A 590 -3.27 24.65 19.56
CA TRP A 590 -2.40 25.11 18.48
C TRP A 590 -2.40 26.63 18.38
N ALA A 591 -3.28 27.26 19.16
CA ALA A 591 -3.34 28.71 19.17
C ALA A 591 -1.98 29.13 19.70
N SER A 592 -1.22 29.86 18.90
CA SER A 592 0.10 30.29 19.32
C SER A 592 0.08 31.66 19.97
N ARG A 593 -0.15 31.70 21.28
CA ARG A 593 -0.17 32.97 22.00
C ARG A 593 1.26 33.41 22.22
N GLU A 594 1.87 33.92 21.15
CA GLU A 594 3.25 34.37 21.25
C GLU A 594 3.32 35.89 21.42
N ASN A 595 3.32 36.32 22.69
CA ASN A 595 3.38 37.74 23.04
C ASN A 595 3.87 37.86 24.48
C1 NAG B . -6.20 28.51 -4.18
C2 NAG B . -7.20 27.86 -5.11
C3 NAG B . -8.21 28.88 -5.63
C4 NAG B . -8.89 29.53 -4.44
C5 NAG B . -7.87 30.03 -3.40
C6 NAG B . -8.52 30.43 -2.08
C7 NAG B . -6.53 25.86 -6.35
C8 NAG B . -5.92 25.35 -7.62
N2 NAG B . -6.61 27.19 -6.26
O3 NAG B . -9.17 28.19 -6.39
O4 NAG B . -9.69 30.59 -4.94
O5 NAG B . -6.89 29.04 -3.08
O6 NAG B . -9.18 29.31 -1.55
O7 NAG B . -6.89 25.06 -5.47
C1 NAG B . -10.95 31.21 -4.69
C2 NAG B . -11.57 32.62 -4.62
C3 NAG B . -13.04 32.71 -5.09
C4 NAG B . -13.82 31.38 -5.14
C5 NAG B . -12.91 30.15 -5.13
C6 NAG B . -13.43 28.97 -5.95
C7 NAG B . -10.62 33.88 -2.75
C8 NAG B . -10.64 34.10 -1.27
N2 NAG B . -11.48 32.98 -3.23
O3 NAG B . -13.06 33.29 -6.38
O4 NAG B . -14.78 31.38 -4.08
O5 NAG B . -11.63 30.47 -5.66
O6 NAG B . -12.43 27.97 -6.01
O7 NAG B . -9.85 34.49 -3.49
C1 NAG C . -18.92 5.80 -19.74
C2 NAG C . -19.87 4.63 -19.62
C3 NAG C . -21.33 5.01 -19.90
C4 NAG C . -21.71 6.31 -19.19
C5 NAG C . -20.60 7.30 -19.50
C6 NAG C . -20.82 8.72 -19.02
C7 NAG C . -18.67 2.55 -19.94
C8 NAG C . -18.31 1.36 -20.79
N2 NAG C . -19.48 3.49 -20.43
O3 NAG C . -22.17 3.92 -19.57
O4 NAG C . -22.92 6.83 -19.70
O5 NAG C . -19.43 6.83 -18.93
O6 NAG C . -21.05 8.70 -17.64
O7 NAG C . -18.21 2.63 -18.80
C1 NAG C . -23.90 7.10 -18.70
C2 NAG C . -24.91 8.12 -19.21
C3 NAG C . -25.77 8.35 -17.96
C4 NAG C . -26.80 7.23 -18.06
C5 NAG C . -26.07 5.89 -18.33
C6 NAG C . -26.64 5.23 -19.61
C7 NAG C . -24.13 9.38 -21.18
C8 NAG C . -23.62 10.68 -21.75
N2 NAG C . -24.38 9.33 -19.85
O3 NAG C . -26.36 9.62 -17.86
O4 NAG C . -27.61 7.19 -16.91
O5 NAG C . -24.63 5.94 -18.32
O6 NAG C . -25.79 4.22 -20.10
O7 NAG C . -24.32 8.40 -21.93
CA CA D . 6.04 7.67 3.81
CHA HEM E . 1.36 -3.73 -5.12
CHB HEM E . -3.28 -3.74 -7.03
CHC HEM E . -5.10 -3.64 -2.48
CHD HEM E . -0.56 -3.95 -0.55
C1A HEM E . 0.32 -3.78 -5.97
C2A HEM E . 0.50 -3.79 -7.52
C3A HEM E . -0.73 -3.83 -8.00
C4A HEM E . -1.74 -3.75 -6.90
CMA HEM E . -1.02 -3.87 -9.31
CAA HEM E . 1.88 -3.85 -8.20
CBA HEM E . 2.38 -5.28 -8.38
CGA HEM E . 3.61 -5.44 -8.97
O1A HEM E . 4.44 -6.04 -8.25
O2A HEM E . 3.77 -5.00 -10.19
C1B HEM E . -4.18 -3.63 -5.93
C2B HEM E . -5.63 -3.67 -6.03
C3B HEM E . -6.14 -3.58 -4.72
C4B HEM E . -5.00 -3.64 -3.87
CMB HEM E . -6.42 -3.63 -7.41
CAB HEM E . -7.49 -3.58 -4.23
CBB HEM E . -8.57 -3.41 -5.05
C1C HEM E . -4.05 -3.75 -1.64
C2C HEM E . -4.15 -3.83 -0.23
C3C HEM E . -2.92 -3.93 0.33
C4C HEM E . -1.93 -3.90 -0.72
CMC HEM E . -5.62 -3.80 0.45
CAC HEM E . -2.44 -4.04 1.78
CBC HEM E . -3.23 -4.12 2.94
C1D HEM E . 0.37 -3.87 -1.68
C2D HEM E . 1.81 -3.81 -1.54
C3D HEM E . 2.36 -3.73 -2.90
C4D HEM E . 1.24 -3.78 -3.75
CMD HEM E . 2.75 -3.85 -0.32
CAD HEM E . 3.86 -3.64 -3.20
CBD HEM E . 4.06 -2.10 -3.27
CGD HEM E . 5.57 -1.79 -3.54
O1D HEM E . 5.88 -1.59 -4.80
O2D HEM E . 6.41 -1.71 -2.54
NA HEM E . -1.00 -3.74 -5.78
NB HEM E . -3.88 -3.68 -4.61
NC HEM E . -2.67 -3.80 -1.92
ND HEM E . 0.05 -3.83 -3.05
FE HEM E . -1.87 -4.01 -3.79
C1 NAG F . -14.58 -8.14 16.31
C2 NAG F . -14.60 -8.91 17.62
C3 NAG F . -14.35 -7.94 18.79
C4 NAG F . -13.04 -7.16 18.54
C5 NAG F . -13.17 -6.41 17.19
C6 NAG F . -11.98 -5.52 16.77
C7 NAG F . -16.07 -10.91 17.46
C8 NAG F . -17.43 -11.47 17.78
N2 NAG F . -15.86 -9.63 17.83
O3 NAG F . -14.32 -8.65 20.00
O4 NAG F . -12.66 -6.38 19.67
O5 NAG F . -13.39 -7.39 16.18
O6 NAG F . -12.35 -4.47 15.87
O7 NAG F . -15.24 -11.61 16.87
C1 NAG G . 18.21 1.19 20.10
C2 NAG G . 18.13 0.45 21.44
C3 NAG G . 18.91 -0.86 21.52
C4 NAG G . 18.70 -1.65 20.24
C5 NAG G . 19.21 -0.75 19.13
C6 NAG G . 19.39 -1.51 17.83
C7 NAG G . 17.62 1.75 23.40
C8 NAG G . 18.08 2.71 24.47
N2 NAG G . 18.51 1.36 22.51
O3 NAG G . 18.43 -1.63 22.60
O4 NAG G . 19.41 -2.88 20.25
O5 NAG G . 18.26 0.30 19.00
O6 NAG G . 18.12 -1.78 17.29
O7 NAG G . 16.46 1.36 23.36
I IOD H . -25.65 9.70 6.42
I IOD I . -2.72 -24.66 -14.68
I IOD J . -3.32 3.73 -20.59
I IOD K . -8.11 20.49 -12.10
I IOD L . 9.68 -31.72 9.00
I IOD M . -11.73 0.79 14.63
I IOD N . -13.40 20.48 1.24
I IOD O . 14.77 -8.36 2.65
I IOD P . -0.33 5.32 18.79
I IOD Q . 5.60 16.14 -10.89
I IOD R . -25.68 -2.63 -2.54
C1 PEG S . -9.69 -17.82 -16.67
O1 PEG S . -9.44 -16.81 -17.34
C2 PEG S . -8.54 -18.44 -16.37
O2 PEG S . -8.74 -19.06 -15.10
C3 PEG S . -7.52 -19.67 -14.71
C4 PEG S . -7.88 -20.97 -13.95
O4 PEG S . -7.40 -22.22 -14.39
C1 EDO T . -13.87 16.30 -15.91
O1 EDO T . -14.40 15.53 -16.97
C2 EDO T . -15.01 17.18 -15.27
O2 EDO T . -16.20 16.58 -14.88
C1 EDO U . -4.74 -28.53 16.45
O1 EDO U . -5.07 -28.26 15.11
C2 EDO U . -3.18 -28.40 16.61
O2 EDO U . -2.44 -29.53 17.00
C4 3OP V . -0.82 1.25 -10.60
C5 3OP V . -2.02 -0.13 -7.81
C6 3OP V . 0.32 1.26 -11.38
C7 3OP V . -1.88 -0.30 -6.52
C8 3OP V . 0.65 2.43 -12.00
C9 3OP V . -0.66 -0.41 -6.03
C10 3OP V . -0.15 3.51 -11.82
N12 3OP V . -1.25 3.45 -11.04
C2 3OP V . -1.55 2.33 -10.44
O13 3OP V . -1.16 0.12 -9.98
C3 3OP V . -0.97 -0.03 -8.64
N11 3OP V . 0.41 -0.29 -6.85
C1 3OP V . 0.23 -0.12 -8.14
#